data_6E63
#
_entry.id   6E63
#
_cell.length_a   51.994
_cell.length_b   120.907
_cell.length_c   177.562
_cell.angle_alpha   90.00
_cell.angle_beta   90.00
_cell.angle_gamma   90.00
#
_symmetry.space_group_name_H-M   'P 2 21 21'
#
loop_
_entity.id
_entity.type
_entity.pdbx_description
1 polymer Pf48/45
2 polymer 'TB31F Fab heavy chain'
3 polymer 'TB31F Fab light chain'
4 non-polymer GLYCEROL
5 water water
#
loop_
_entity_poly.entity_id
_entity_poly.type
_entity_poly.pdbx_seq_one_letter_code
_entity_poly.pdbx_strand_id
1 'polypeptide(L)'
;EKKVIHGCNFSSNVSSKHTFTDSLDISLVDDSAHISCNVHLSEPKYNHLVGLNCPGDIIPDCFFQVYQPESEELEPSNIV
YLDSQINIGDIEYYEDAEGDDKIKLFGIVGSIPKTTSFTCICKKDKKSAYMTVTIDSA
;
P,A
2 'polypeptide(L)'
;EVQLVQSGGGLVQPGGSLRLSCAASGFTFNNYWMSWVRQAPGKGLEWVSSISNIGGTIYYPDSVKGRFTISRDNSKNTLY
LQMNSLRAEDTAVYYCTRDLRMSDYFDYWGQGTMVTVSSASTKGPSVFPLAPSSKSTSGGTAALGCLVKDYFPEPVTVSW
NSGALTSGVHTFPAVLQSSGLYSLSSVVTVPSSSLGTQTYICNVNHKPSNTKVDKKVEPKSC
;
H,B
3 'polypeptide(L)'
;NFMLTQPHSVSESPGKTVTISCTRSTGNIGSNYVSWYQQRPGSSPTTVIYRDDQRPSGVPDRFSGSIDRSSNSASLTISG
LKTEDEADYYCHSYSTGMYIFGGGTKLTVLGQPKAAPSVTLFPPSSEELQANKATLVCLISDFYPGAVTVAWKADSSPVK
AGVETTTPSKQSNNKYAASSYLSLTPEQWKSHRSYSCQVTHEGSTVEKTVAPTEC
;
L,C
#
loop_
_chem_comp.id
_chem_comp.type
_chem_comp.name
_chem_comp.formula
GOL non-polymer GLYCEROL 'C3 H8 O3'
#
# COMPACT_ATOMS: atom_id res chain seq x y z
N LYS A 3 -51.61 -9.48 -31.68
CA LYS A 3 -51.38 -8.04 -31.71
C LYS A 3 -49.90 -7.65 -31.53
N VAL A 4 -49.47 -6.64 -32.28
CA VAL A 4 -48.08 -6.19 -32.27
C VAL A 4 -47.94 -5.01 -31.31
N ILE A 5 -46.78 -4.93 -30.66
CA ILE A 5 -46.42 -3.74 -29.89
C ILE A 5 -45.67 -2.79 -30.81
N HIS A 6 -46.21 -1.59 -30.97
CA HIS A 6 -45.49 -0.52 -31.66
C HIS A 6 -44.41 0.01 -30.73
N GLY A 7 -43.20 -0.50 -30.92
CA GLY A 7 -42.09 -0.09 -30.06
C GLY A 7 -40.84 -0.83 -30.44
N CYS A 8 -39.93 -0.95 -29.46
CA CYS A 8 -38.57 -1.41 -29.71
C CYS A 8 -38.23 -2.56 -28.78
N ASN A 9 -37.70 -3.65 -29.33
CA ASN A 9 -37.22 -4.77 -28.54
C ASN A 9 -35.70 -4.70 -28.47
N PHE A 10 -35.17 -4.35 -27.28
CA PHE A 10 -33.73 -4.26 -27.09
C PHE A 10 -33.13 -5.52 -26.49
N SER A 11 -33.96 -6.48 -26.11
CA SER A 11 -33.47 -7.73 -25.55
C SER A 11 -33.08 -8.69 -26.65
N SER A 12 -32.16 -9.59 -26.33
CA SER A 12 -31.71 -10.62 -27.26
C SER A 12 -32.44 -11.94 -27.06
N ASN A 13 -33.51 -11.94 -26.28
CA ASN A 13 -34.33 -13.14 -26.15
C ASN A 13 -35.24 -13.23 -27.37
N VAL A 14 -35.54 -14.45 -27.79
CA VAL A 14 -36.47 -14.63 -28.89
C VAL A 14 -37.86 -14.83 -28.29
N SER A 15 -38.46 -13.71 -27.86
CA SER A 15 -39.69 -13.75 -27.08
C SER A 15 -40.90 -14.05 -27.95
N SER A 16 -41.76 -14.93 -27.45
CA SER A 16 -43.02 -15.27 -28.11
C SER A 16 -44.22 -14.53 -27.57
N LYS A 17 -44.21 -14.21 -26.27
CA LYS A 17 -45.32 -13.47 -25.70
C LYS A 17 -45.45 -12.09 -26.35
N HIS A 18 -44.35 -11.55 -26.85
CA HIS A 18 -44.36 -10.16 -27.33
C HIS A 18 -43.62 -10.05 -28.65
N THR A 19 -44.25 -9.37 -29.59
CA THR A 19 -43.65 -9.05 -30.88
C THR A 19 -43.70 -7.53 -31.03
N PHE A 20 -42.54 -6.94 -31.26
CA PHE A 20 -42.42 -5.51 -31.46
C PHE A 20 -42.24 -5.20 -32.93
N THR A 21 -42.52 -3.95 -33.29
CA THR A 21 -42.36 -3.53 -34.68
C THR A 21 -40.89 -3.34 -35.02
N ASP A 22 -40.12 -2.80 -34.08
CA ASP A 22 -38.71 -2.50 -34.27
C ASP A 22 -37.89 -3.24 -33.23
N SER A 23 -36.60 -3.38 -33.53
CA SER A 23 -35.67 -4.10 -32.68
C SER A 23 -34.29 -3.50 -32.87
N LEU A 24 -33.49 -3.57 -31.81
CA LEU A 24 -32.15 -2.98 -31.81
C LEU A 24 -31.45 -3.57 -30.59
N ASP A 25 -30.58 -4.53 -30.82
CA ASP A 25 -29.92 -5.24 -29.72
C ASP A 25 -28.98 -4.29 -28.99
N ILE A 26 -29.27 -4.04 -27.71
CA ILE A 26 -28.54 -3.06 -26.92
C ILE A 26 -27.05 -3.43 -26.83
N SER A 27 -26.73 -4.72 -26.88
CA SER A 27 -25.34 -5.19 -26.81
C SER A 27 -24.63 -5.02 -28.15
N LEU A 28 -24.52 -3.75 -28.57
CA LEU A 28 -23.98 -3.42 -29.89
C LEU A 28 -23.36 -2.02 -29.92
N VAL A 29 -23.87 -1.09 -29.12
CA VAL A 29 -23.46 0.31 -29.20
C VAL A 29 -22.35 0.59 -28.19
N ASP A 30 -21.74 1.77 -28.31
CA ASP A 30 -20.54 2.11 -27.54
C ASP A 30 -20.88 2.56 -26.13
N ASP A 31 -19.94 2.30 -25.22
CA ASP A 31 -20.12 2.68 -23.82
C ASP A 31 -20.28 4.18 -23.67
N SER A 32 -21.19 4.58 -22.77
CA SER A 32 -21.51 5.98 -22.49
C SER A 32 -21.98 6.71 -23.75
N ALA A 33 -22.54 5.97 -24.71
CA ALA A 33 -23.10 6.53 -25.92
C ALA A 33 -24.55 6.09 -26.03
N HIS A 34 -25.22 6.53 -27.10
CA HIS A 34 -26.60 6.15 -27.33
C HIS A 34 -26.88 6.10 -28.82
N ILE A 35 -27.74 5.17 -29.20
CA ILE A 35 -28.36 5.16 -30.53
C ILE A 35 -29.87 5.11 -30.31
N SER A 36 -30.60 5.65 -31.28
CA SER A 36 -32.03 5.81 -31.14
C SER A 36 -32.78 4.75 -31.94
N CYS A 37 -33.90 4.31 -31.38
CA CYS A 37 -34.89 3.48 -32.05
C CYS A 37 -36.19 4.27 -32.02
N ASN A 38 -36.55 4.85 -33.16
CA ASN A 38 -37.68 5.77 -33.23
C ASN A 38 -38.91 5.07 -33.78
N VAL A 39 -40.05 5.40 -33.20
CA VAL A 39 -41.35 4.86 -33.59
C VAL A 39 -42.26 6.03 -33.93
N HIS A 40 -42.86 5.99 -35.10
CA HIS A 40 -43.79 7.02 -35.55
C HIS A 40 -45.15 6.39 -35.79
N LEU A 41 -46.18 6.98 -35.21
CA LEU A 41 -47.57 6.54 -35.37
C LEU A 41 -48.38 7.69 -35.95
N SER A 42 -49.15 7.40 -36.98
CA SER A 42 -49.98 8.42 -37.62
C SER A 42 -51.22 7.74 -38.18
N GLU A 43 -52.31 7.77 -37.40
CA GLU A 43 -53.56 7.14 -37.76
C GLU A 43 -54.71 7.99 -37.25
N PRO A 44 -55.80 8.05 -38.02
CA PRO A 44 -57.06 8.59 -37.46
C PRO A 44 -57.68 7.56 -36.53
N LYS A 45 -57.73 7.90 -35.23
CA LYS A 45 -58.22 7.02 -34.17
C LYS A 45 -57.35 5.76 -34.03
N TYR A 46 -56.76 5.57 -32.85
CA TYR A 46 -55.82 4.50 -32.60
C TYR A 46 -56.47 3.35 -31.86
N ASN A 47 -55.78 2.20 -31.88
CA ASN A 47 -56.10 1.06 -31.05
C ASN A 47 -54.83 0.23 -30.93
N HIS A 48 -53.78 0.83 -30.38
CA HIS A 48 -52.44 0.31 -30.44
C HIS A 48 -51.86 0.09 -29.05
N LEU A 49 -50.97 -0.90 -28.97
CA LEU A 49 -50.08 -1.07 -27.83
C LEU A 49 -48.73 -0.47 -28.18
N VAL A 50 -48.19 0.33 -27.28
CA VAL A 50 -46.86 0.92 -27.42
C VAL A 50 -46.04 0.50 -26.21
N GLY A 51 -44.76 0.19 -26.44
CA GLY A 51 -43.91 -0.22 -25.34
C GLY A 51 -42.54 -0.64 -25.82
N LEU A 52 -41.78 -1.21 -24.90
CA LEU A 52 -40.43 -1.66 -25.19
C LEU A 52 -40.11 -2.90 -24.37
N ASN A 53 -39.10 -3.63 -24.82
CA ASN A 53 -38.51 -4.74 -24.07
C ASN A 53 -37.07 -4.35 -23.76
N CYS A 54 -36.78 -4.14 -22.48
CA CYS A 54 -35.46 -3.73 -22.05
C CYS A 54 -34.82 -4.83 -21.21
N PRO A 55 -33.60 -5.23 -21.54
CA PRO A 55 -32.90 -6.23 -20.71
C PRO A 55 -32.07 -5.64 -19.58
N GLY A 56 -31.94 -4.32 -19.52
CA GLY A 56 -31.25 -3.70 -18.42
C GLY A 56 -32.21 -2.97 -17.51
N ASP A 57 -32.05 -1.66 -17.40
CA ASP A 57 -32.93 -0.82 -16.60
C ASP A 57 -33.62 0.20 -17.49
N ILE A 58 -34.85 0.53 -17.12
CA ILE A 58 -35.68 1.48 -17.86
C ILE A 58 -35.70 2.81 -17.11
N ILE A 59 -35.43 3.89 -17.84
CA ILE A 59 -35.37 5.23 -17.27
C ILE A 59 -36.19 6.17 -18.16
N PRO A 60 -37.22 6.84 -17.64
CA PRO A 60 -37.65 6.77 -16.25
C PRO A 60 -38.52 5.55 -16.00
N ASP A 61 -39.63 5.74 -15.29
CA ASP A 61 -40.55 4.63 -15.04
C ASP A 61 -41.64 4.67 -16.11
N CYS A 62 -41.26 4.19 -17.30
CA CYS A 62 -42.17 4.18 -18.45
C CYS A 62 -43.23 3.11 -18.29
N PHE A 63 -44.43 3.39 -18.80
CA PHE A 63 -44.69 4.61 -19.55
C PHE A 63 -45.57 5.59 -18.80
N PHE A 64 -45.65 5.41 -17.47
CA PHE A 64 -46.28 6.43 -16.64
C PHE A 64 -45.45 7.71 -16.64
N GLN A 65 -44.14 7.59 -16.61
CA GLN A 65 -43.22 8.71 -16.78
C GLN A 65 -42.46 8.56 -18.09
N VAL A 66 -42.24 9.70 -18.78
CA VAL A 66 -41.50 9.74 -20.03
C VAL A 66 -40.65 11.01 -20.04
N TYR A 67 -39.74 11.08 -21.01
CA TYR A 67 -38.83 12.20 -21.19
C TYR A 67 -39.36 13.18 -22.21
N GLN A 68 -38.73 14.36 -22.26
CA GLN A 68 -38.98 15.30 -23.34
C GLN A 68 -37.74 15.36 -24.24
N GLU A 75 -29.10 13.69 -24.91
CA GLU A 75 -29.44 13.29 -23.55
C GLU A 75 -30.67 14.04 -23.03
N PRO A 76 -31.81 13.37 -22.95
CA PRO A 76 -33.00 13.97 -22.32
C PRO A 76 -32.88 13.98 -20.81
N SER A 77 -33.70 14.82 -20.17
CA SER A 77 -33.58 15.03 -18.73
C SER A 77 -34.88 15.50 -18.07
N ASN A 78 -35.89 15.86 -18.86
CA ASN A 78 -37.14 16.41 -18.33
C ASN A 78 -38.17 15.30 -18.20
N ILE A 79 -38.34 14.80 -16.98
CA ILE A 79 -39.28 13.72 -16.72
C ILE A 79 -40.69 14.28 -16.66
N VAL A 80 -41.61 13.68 -17.42
CA VAL A 80 -42.98 14.14 -17.54
C VAL A 80 -43.90 12.92 -17.45
N TYR A 81 -45.14 13.16 -17.03
CA TYR A 81 -46.13 12.09 -16.95
C TYR A 81 -46.87 11.98 -18.27
N LEU A 82 -47.05 10.74 -18.73
CA LEU A 82 -47.61 10.50 -20.06
C LEU A 82 -49.02 11.06 -20.19
N ASP A 83 -49.83 10.95 -19.12
CA ASP A 83 -51.18 11.49 -19.16
C ASP A 83 -51.17 12.99 -19.45
N SER A 84 -50.21 13.71 -18.88
CA SER A 84 -50.09 15.14 -19.19
C SER A 84 -49.54 15.37 -20.58
N GLN A 85 -48.64 14.50 -21.04
CA GLN A 85 -47.98 14.73 -22.32
C GLN A 85 -48.93 14.50 -23.49
N ILE A 86 -49.65 13.38 -23.48
CA ILE A 86 -50.59 13.08 -24.56
C ILE A 86 -51.93 13.78 -24.31
N ASN A 87 -52.26 14.06 -23.05
CA ASN A 87 -53.46 14.80 -22.68
C ASN A 87 -54.73 14.08 -23.13
N ILE A 88 -54.76 12.76 -22.98
CA ILE A 88 -55.96 11.96 -23.21
C ILE A 88 -56.33 11.29 -21.89
N GLY A 89 -57.62 10.99 -21.73
CA GLY A 89 -58.14 10.52 -20.46
C GLY A 89 -57.80 9.09 -20.10
N ASP A 90 -58.23 8.13 -20.91
CA ASP A 90 -58.10 6.71 -20.60
C ASP A 90 -56.87 6.15 -21.29
N ILE A 91 -55.81 5.95 -20.50
CA ILE A 91 -54.58 5.29 -20.95
C ILE A 91 -54.40 4.06 -20.08
N GLU A 92 -54.34 2.90 -20.72
CA GLU A 92 -54.08 1.65 -20.01
C GLU A 92 -52.59 1.39 -19.96
N TYR A 93 -52.09 1.03 -18.77
CA TYR A 93 -50.68 0.70 -18.57
C TYR A 93 -50.52 -0.78 -18.29
N TYR A 94 -49.52 -1.40 -18.92
CA TYR A 94 -49.29 -2.83 -18.78
C TYR A 94 -47.81 -3.09 -18.55
N GLU A 95 -47.53 -4.25 -17.97
CA GLU A 95 -46.14 -4.66 -17.75
C GLU A 95 -46.04 -6.16 -17.93
N ASP A 96 -44.82 -6.62 -18.22
CA ASP A 96 -44.55 -8.04 -18.25
C ASP A 96 -43.08 -8.25 -17.87
N ALA A 97 -42.74 -9.51 -17.58
CA ALA A 97 -41.40 -9.89 -17.18
C ALA A 97 -41.04 -11.24 -17.80
N GLU A 98 -39.77 -11.36 -18.24
CA GLU A 98 -39.23 -12.60 -18.82
C GLU A 98 -37.78 -12.75 -18.32
N GLY A 99 -37.63 -13.09 -17.05
CA GLY A 99 -36.30 -13.06 -16.44
C GLY A 99 -35.89 -11.63 -16.22
N ASP A 100 -34.68 -11.28 -16.68
CA ASP A 100 -34.24 -9.90 -16.62
C ASP A 100 -34.92 -8.99 -17.64
N ASP A 101 -35.66 -9.56 -18.60
CA ASP A 101 -36.34 -8.75 -19.60
C ASP A 101 -37.50 -8.00 -18.96
N LYS A 102 -37.52 -6.67 -19.07
CA LYS A 102 -38.59 -5.85 -18.52
C LYS A 102 -39.42 -5.30 -19.68
N ILE A 103 -40.71 -5.65 -19.70
CA ILE A 103 -41.63 -5.22 -20.74
C ILE A 103 -42.64 -4.25 -20.13
N LYS A 104 -42.57 -3.00 -20.54
CA LYS A 104 -43.52 -1.98 -20.13
C LYS A 104 -44.27 -1.49 -21.36
N LEU A 105 -45.60 -1.52 -21.29
CA LEU A 105 -46.46 -1.14 -22.42
C LEU A 105 -47.51 -0.14 -21.98
N PHE A 106 -48.12 0.51 -22.96
CA PHE A 106 -49.34 1.27 -22.72
C PHE A 106 -50.24 1.19 -23.94
N GLY A 107 -51.54 1.01 -23.67
CA GLY A 107 -52.54 0.96 -24.71
C GLY A 107 -53.17 2.33 -24.92
N ILE A 108 -53.52 2.61 -26.18
CA ILE A 108 -54.03 3.92 -26.55
C ILE A 108 -55.14 3.73 -27.57
N VAL A 109 -56.35 4.17 -27.22
CA VAL A 109 -57.53 3.99 -28.06
C VAL A 109 -58.20 5.34 -28.25
N GLY A 110 -58.40 5.73 -29.50
CA GLY A 110 -59.13 6.94 -29.83
C GLY A 110 -58.27 7.95 -30.56
N SER A 111 -58.64 9.22 -30.41
CA SER A 111 -58.05 10.35 -31.10
C SER A 111 -57.17 11.15 -30.14
N ILE A 112 -56.27 11.92 -30.71
CA ILE A 112 -55.24 12.62 -29.96
C ILE A 112 -55.29 14.11 -30.30
N PRO A 113 -55.39 15.00 -29.31
CA PRO A 113 -55.50 16.43 -29.59
C PRO A 113 -54.33 16.98 -30.39
N LYS A 114 -53.13 16.88 -29.83
CA LYS A 114 -51.95 17.44 -30.46
C LYS A 114 -50.90 16.36 -30.70
N THR A 115 -50.23 16.43 -31.83
CA THR A 115 -49.08 15.59 -32.09
C THR A 115 -48.05 15.76 -30.99
N THR A 116 -47.67 14.65 -30.36
CA THR A 116 -46.77 14.68 -29.22
C THR A 116 -45.67 13.64 -29.40
N SER A 117 -44.48 14.00 -28.92
CA SER A 117 -43.33 13.12 -28.97
C SER A 117 -42.76 12.97 -27.57
N PHE A 118 -42.18 11.81 -27.29
CA PHE A 118 -41.57 11.53 -25.99
C PHE A 118 -40.54 10.43 -26.16
N THR A 119 -39.64 10.33 -25.18
CA THR A 119 -38.50 9.42 -25.22
C THR A 119 -38.47 8.57 -23.96
N CYS A 120 -38.09 7.31 -24.12
CA CYS A 120 -37.85 6.41 -23.00
C CYS A 120 -36.49 5.74 -23.22
N ILE A 121 -35.78 5.44 -22.13
CA ILE A 121 -34.39 5.02 -22.19
C ILE A 121 -34.28 3.57 -21.70
N CYS A 122 -33.58 2.75 -22.47
CA CYS A 122 -33.16 1.42 -22.04
C CYS A 122 -31.67 1.47 -21.79
N LYS A 123 -31.25 1.16 -20.57
CA LYS A 123 -29.85 1.21 -20.18
C LYS A 123 -29.39 -0.18 -19.79
N LYS A 124 -28.26 -0.60 -20.35
CA LYS A 124 -27.67 -1.90 -20.07
C LYS A 124 -26.15 -1.73 -20.02
N ASP A 125 -25.57 -1.98 -18.85
CA ASP A 125 -24.14 -1.71 -18.58
C ASP A 125 -23.94 -0.22 -18.82
N LYS A 126 -22.89 0.19 -19.53
CA LYS A 126 -22.71 1.61 -19.85
C LYS A 126 -23.42 2.05 -21.11
N LYS A 127 -24.11 1.13 -21.80
CA LYS A 127 -24.77 1.43 -23.06
C LYS A 127 -26.23 1.78 -22.81
N SER A 128 -26.71 2.83 -23.44
CA SER A 128 -28.11 3.23 -23.30
C SER A 128 -28.74 3.43 -24.68
N ALA A 129 -29.84 2.74 -24.93
CA ALA A 129 -30.63 2.89 -26.14
C ALA A 129 -31.86 3.74 -25.87
N TYR A 130 -32.11 4.70 -26.76
CA TYR A 130 -33.27 5.55 -26.62
C TYR A 130 -34.39 5.06 -27.52
N MET A 131 -35.63 5.24 -27.05
CA MET A 131 -36.83 4.95 -27.82
C MET A 131 -37.68 6.20 -27.84
N THR A 132 -37.78 6.84 -29.00
CA THR A 132 -38.57 8.05 -29.14
C THR A 132 -39.83 7.73 -29.93
N VAL A 133 -40.97 8.14 -29.39
CA VAL A 133 -42.26 7.89 -30.01
C VAL A 133 -42.84 9.22 -30.47
N THR A 134 -43.36 9.25 -31.69
CA THR A 134 -44.13 10.36 -32.20
C THR A 134 -45.53 9.87 -32.57
N ILE A 135 -46.56 10.56 -32.10
CA ILE A 135 -47.94 10.23 -32.42
C ILE A 135 -48.65 11.49 -32.88
N ASP A 136 -49.29 11.42 -34.05
CA ASP A 136 -49.99 12.57 -34.60
C ASP A 136 -51.45 12.64 -34.14
N GLU B 1 -31.16 22.47 0.39
CA GLU B 1 -30.26 21.39 -0.04
C GLU B 1 -30.97 20.04 0.02
N VAL B 2 -30.29 19.02 -0.48
CA VAL B 2 -30.81 17.66 -0.41
C VAL B 2 -30.66 17.13 1.00
N GLN B 3 -31.68 16.46 1.50
CA GLN B 3 -31.67 15.91 2.85
C GLN B 3 -32.29 14.53 2.85
N LEU B 4 -31.65 13.60 3.58
CA LEU B 4 -32.21 12.28 3.86
C LEU B 4 -32.12 12.05 5.37
N VAL B 5 -33.24 12.23 6.05
CA VAL B 5 -33.31 12.14 7.51
C VAL B 5 -33.93 10.79 7.85
N GLN B 6 -33.11 9.86 8.33
CA GLN B 6 -33.58 8.53 8.67
C GLN B 6 -34.21 8.52 10.05
N SER B 7 -35.17 7.61 10.24
CA SER B 7 -36.01 7.60 11.43
C SER B 7 -35.91 6.25 12.13
N GLY B 8 -35.44 6.28 13.38
CA GLY B 8 -35.77 5.29 14.40
C GLY B 8 -35.68 3.81 14.08
N GLY B 9 -34.64 3.17 14.60
CA GLY B 9 -34.51 1.72 14.62
C GLY B 9 -34.71 1.24 16.04
N GLY B 10 -34.04 0.16 16.45
CA GLY B 10 -34.18 -0.29 17.82
C GLY B 10 -33.76 -1.73 17.97
N LEU B 11 -34.15 -2.29 19.12
CA LEU B 11 -33.85 -3.67 19.48
C LEU B 11 -35.04 -4.55 19.13
N VAL B 12 -34.77 -5.69 18.52
CA VAL B 12 -35.80 -6.65 18.13
C VAL B 12 -35.31 -8.05 18.48
N GLN B 13 -36.23 -8.90 18.91
CA GLN B 13 -35.88 -10.29 19.06
C GLN B 13 -35.92 -10.98 17.70
N PRO B 14 -35.16 -12.08 17.52
CA PRO B 14 -35.19 -12.81 16.25
C PRO B 14 -36.61 -13.18 15.84
N GLY B 15 -36.89 -13.05 14.54
CA GLY B 15 -38.22 -13.31 14.02
C GLY B 15 -39.20 -12.16 14.16
N GLY B 16 -38.74 -11.02 14.69
CA GLY B 16 -39.60 -9.87 14.84
C GLY B 16 -39.65 -9.03 13.58
N SER B 17 -40.24 -7.85 13.72
CA SER B 17 -40.41 -6.92 12.61
C SER B 17 -40.05 -5.52 13.08
N LEU B 18 -39.81 -4.63 12.12
CA LEU B 18 -39.31 -3.30 12.36
C LEU B 18 -39.43 -2.51 11.07
N ARG B 19 -39.77 -1.22 11.16
CA ARG B 19 -39.90 -0.39 9.97
C ARG B 19 -38.98 0.82 10.09
N LEU B 20 -38.19 1.06 9.05
CA LEU B 20 -37.31 2.22 8.93
C LEU B 20 -37.92 3.23 7.96
N SER B 21 -37.71 4.52 8.24
CA SER B 21 -38.18 5.59 7.37
C SER B 21 -37.02 6.49 6.98
N CYS B 22 -37.23 7.23 5.89
CA CYS B 22 -36.26 8.20 5.38
C CYS B 22 -37.05 9.34 4.76
N ALA B 23 -37.04 10.51 5.40
CA ALA B 23 -37.72 11.68 4.88
C ALA B 23 -36.79 12.41 3.91
N ALA B 24 -37.24 12.60 2.68
CA ALA B 24 -36.43 13.22 1.64
C ALA B 24 -36.92 14.62 1.34
N SER B 25 -35.99 15.54 1.09
CA SER B 25 -36.35 16.90 0.72
C SER B 25 -35.22 17.49 -0.12
N GLY B 26 -35.53 18.60 -0.79
CA GLY B 26 -34.56 19.29 -1.62
C GLY B 26 -34.49 18.84 -3.06
N PHE B 27 -35.22 17.80 -3.43
CA PHE B 27 -35.17 17.32 -4.81
C PHE B 27 -36.52 16.75 -5.16
N THR B 28 -36.78 16.60 -6.47
CA THR B 28 -38.05 16.03 -6.91
C THR B 28 -38.07 14.55 -6.56
N PHE B 29 -38.85 14.20 -5.54
CA PHE B 29 -38.84 12.84 -5.02
C PHE B 29 -39.14 11.81 -6.12
N ASN B 30 -40.07 12.11 -7.02
CA ASN B 30 -40.54 11.15 -8.02
C ASN B 30 -39.52 10.86 -9.13
N ASN B 31 -38.43 11.61 -9.22
CA ASN B 31 -37.53 11.48 -10.36
C ASN B 31 -36.25 10.72 -10.04
N TYR B 32 -36.21 9.97 -8.95
CA TYR B 32 -34.96 9.33 -8.57
C TYR B 32 -35.20 7.94 -7.99
N TRP B 33 -34.26 7.04 -8.26
CA TRP B 33 -34.18 5.79 -7.53
C TRP B 33 -33.61 6.03 -6.13
N MET B 34 -33.90 5.10 -5.22
CA MET B 34 -33.48 5.18 -3.84
C MET B 34 -33.20 3.78 -3.32
N SER B 35 -32.25 3.68 -2.39
CA SER B 35 -31.79 2.38 -1.91
C SER B 35 -31.63 2.39 -0.40
N TRP B 36 -31.58 1.19 0.17
CA TRP B 36 -31.12 0.94 1.53
C TRP B 36 -29.82 0.16 1.47
N VAL B 37 -28.80 0.62 2.20
CA VAL B 37 -27.50 -0.04 2.29
C VAL B 37 -27.16 -0.18 3.76
N ARG B 38 -26.80 -1.39 4.20
CA ARG B 38 -26.50 -1.61 5.60
C ARG B 38 -25.02 -1.87 5.82
N GLN B 39 -24.65 -1.95 7.09
CA GLN B 39 -23.25 -2.16 7.49
C GLN B 39 -23.23 -2.74 8.91
N ALA B 40 -22.86 -4.00 9.03
CA ALA B 40 -22.69 -4.61 10.33
C ALA B 40 -21.50 -3.95 11.04
N PRO B 41 -21.58 -3.79 12.36
CA PRO B 41 -20.51 -3.08 13.08
C PRO B 41 -19.16 -3.74 12.85
N GLY B 42 -18.19 -2.94 12.39
CA GLY B 42 -16.87 -3.42 12.09
C GLY B 42 -16.69 -3.99 10.70
N LYS B 43 -17.72 -4.02 9.88
CA LYS B 43 -17.67 -4.69 8.60
C LYS B 43 -18.03 -3.70 7.49
N GLY B 44 -18.27 -4.24 6.29
CA GLY B 44 -18.35 -3.43 5.10
C GLY B 44 -19.77 -3.12 4.65
N LEU B 45 -19.84 -2.29 3.61
CA LEU B 45 -21.13 -1.92 3.02
C LEU B 45 -21.75 -3.13 2.32
N GLU B 46 -23.07 -3.25 2.45
CA GLU B 46 -23.82 -4.33 1.81
C GLU B 46 -25.16 -3.78 1.36
N TRP B 47 -25.40 -3.78 0.05
CA TRP B 47 -26.64 -3.26 -0.49
C TRP B 47 -27.83 -4.14 -0.06
N VAL B 48 -28.92 -3.50 0.31
CA VAL B 48 -30.06 -4.17 0.92
C VAL B 48 -31.26 -4.21 -0.02
N SER B 49 -31.52 -3.12 -0.73
CA SER B 49 -32.72 -3.03 -1.56
C SER B 49 -32.66 -1.74 -2.36
N SER B 50 -33.33 -1.73 -3.51
CA SER B 50 -33.48 -0.52 -4.31
C SER B 50 -34.90 -0.46 -4.89
N ILE B 51 -35.35 0.76 -5.16
CA ILE B 51 -36.66 1.01 -5.76
C ILE B 51 -36.53 2.12 -6.79
N SER B 52 -37.20 1.96 -7.92
CA SER B 52 -37.13 2.94 -9.01
C SER B 52 -38.01 4.15 -8.69
N ASN B 53 -38.03 5.11 -9.62
CA ASN B 53 -38.66 6.41 -9.45
C ASN B 53 -40.02 6.36 -8.75
N ILE B 54 -40.95 5.57 -9.30
CA ILE B 54 -42.29 5.41 -8.74
C ILE B 54 -42.65 3.94 -8.69
N GLY B 55 -41.67 3.10 -8.35
CA GLY B 55 -41.91 1.69 -8.11
C GLY B 55 -41.84 0.77 -9.31
N GLY B 56 -41.49 1.29 -10.50
CA GLY B 56 -41.51 0.45 -11.69
C GLY B 56 -40.59 -0.74 -11.61
N THR B 57 -39.45 -0.59 -10.93
CA THR B 57 -38.48 -1.65 -10.74
C THR B 57 -38.12 -1.72 -9.26
N ILE B 58 -38.06 -2.94 -8.72
CA ILE B 58 -37.61 -3.18 -7.36
C ILE B 58 -36.60 -4.33 -7.38
N TYR B 59 -35.51 -4.17 -6.64
CA TYR B 59 -34.42 -5.14 -6.62
C TYR B 59 -34.09 -5.53 -5.19
N TYR B 60 -33.81 -6.82 -5.00
CA TYR B 60 -33.40 -7.35 -3.70
C TYR B 60 -32.28 -8.36 -3.90
N PRO B 61 -31.30 -8.40 -3.00
CA PRO B 61 -30.41 -9.55 -2.92
C PRO B 61 -31.08 -10.71 -2.21
N ASP B 62 -30.56 -11.90 -2.46
CA ASP B 62 -31.18 -13.09 -1.90
C ASP B 62 -31.09 -13.15 -0.38
N SER B 63 -30.15 -12.42 0.23
CA SER B 63 -30.01 -12.44 1.68
C SER B 63 -31.23 -11.89 2.41
N VAL B 64 -32.06 -11.09 1.74
CA VAL B 64 -33.20 -10.46 2.39
C VAL B 64 -34.47 -10.67 1.58
N LYS B 65 -34.33 -11.26 0.39
CA LYS B 65 -35.48 -11.48 -0.47
C LYS B 65 -36.51 -12.35 0.25
N GLY B 66 -37.74 -11.85 0.32
CA GLY B 66 -38.80 -12.50 1.06
C GLY B 66 -39.01 -11.97 2.45
N ARG B 67 -37.95 -11.43 3.08
CA ARG B 67 -38.07 -10.88 4.42
C ARG B 67 -38.19 -9.36 4.45
N PHE B 68 -37.54 -8.66 3.54
CA PHE B 68 -37.54 -7.20 3.52
C PHE B 68 -38.36 -6.68 2.36
N THR B 69 -39.04 -5.56 2.59
CA THR B 69 -39.86 -4.92 1.55
C THR B 69 -39.57 -3.42 1.53
N ILE B 70 -39.11 -2.93 0.39
CA ILE B 70 -38.89 -1.50 0.16
C ILE B 70 -40.14 -0.91 -0.47
N SER B 71 -40.41 0.34 -0.11
CA SER B 71 -41.55 1.06 -0.66
C SER B 71 -41.31 2.55 -0.47
N ARG B 72 -42.14 3.35 -1.13
CA ARG B 72 -42.02 4.80 -1.00
C ARG B 72 -43.39 5.43 -1.15
N ASP B 73 -43.55 6.57 -0.51
CA ASP B 73 -44.80 7.35 -0.49
C ASP B 73 -44.46 8.74 -1.00
N ASN B 74 -44.75 8.98 -2.28
CA ASN B 74 -44.42 10.26 -2.90
C ASN B 74 -45.16 11.44 -2.28
N SER B 75 -46.28 11.19 -1.59
CA SER B 75 -47.03 12.27 -0.95
C SER B 75 -46.42 12.69 0.38
N LYS B 76 -45.57 11.86 0.97
CA LYS B 76 -44.83 12.19 2.18
C LYS B 76 -43.33 12.32 1.92
N ASN B 77 -42.89 12.10 0.67
CA ASN B 77 -41.47 12.14 0.30
C ASN B 77 -40.64 11.28 1.24
N THR B 78 -41.07 10.03 1.41
CA THR B 78 -40.47 9.14 2.38
C THR B 78 -40.18 7.79 1.77
N LEU B 79 -39.02 7.25 2.10
CA LEU B 79 -38.63 5.89 1.77
C LEU B 79 -38.84 5.00 2.99
N TYR B 80 -39.34 3.79 2.77
CA TYR B 80 -39.59 2.84 3.84
C TYR B 80 -38.85 1.53 3.58
N LEU B 81 -38.40 0.90 4.66
CA LEU B 81 -37.89 -0.47 4.62
C LEU B 81 -38.63 -1.25 5.68
N GLN B 82 -39.51 -2.15 5.26
CA GLN B 82 -40.25 -3.01 6.17
C GLN B 82 -39.47 -4.30 6.33
N MET B 83 -39.04 -4.58 7.56
CA MET B 83 -38.18 -5.72 7.85
C MET B 83 -39.00 -6.72 8.66
N ASN B 84 -39.06 -7.96 8.18
CA ASN B 84 -39.77 -9.04 8.85
C ASN B 84 -38.86 -10.27 8.91
N SER B 85 -39.20 -11.19 9.82
CA SER B 85 -38.42 -12.41 10.02
C SER B 85 -36.96 -12.09 10.32
N LEU B 86 -36.74 -11.08 11.17
CA LEU B 86 -35.40 -10.60 11.44
C LEU B 86 -34.52 -11.69 12.02
N ARG B 87 -33.28 -11.74 11.54
CA ARG B 87 -32.26 -12.64 12.05
C ARG B 87 -31.16 -11.82 12.71
N ALA B 88 -30.38 -12.47 13.57
CA ALA B 88 -29.30 -11.77 14.25
C ALA B 88 -28.31 -11.20 13.24
N GLU B 89 -28.12 -11.88 12.11
CA GLU B 89 -27.26 -11.39 11.04
C GLU B 89 -27.75 -10.09 10.41
N ASP B 90 -29.00 -9.69 10.65
CA ASP B 90 -29.50 -8.41 10.16
C ASP B 90 -29.05 -7.24 11.02
N THR B 91 -28.38 -7.50 12.14
CA THR B 91 -27.87 -6.42 12.98
C THR B 91 -26.86 -5.58 12.21
N ALA B 92 -27.21 -4.32 11.96
CA ALA B 92 -26.36 -3.44 11.16
C ALA B 92 -26.86 -2.01 11.32
N VAL B 93 -26.09 -1.08 10.77
CA VAL B 93 -26.50 0.30 10.64
C VAL B 93 -27.04 0.48 9.23
N TYR B 94 -28.32 0.79 9.12
CA TYR B 94 -28.96 0.87 7.82
C TYR B 94 -28.93 2.30 7.32
N TYR B 95 -28.51 2.46 6.06
CA TYR B 95 -28.36 3.77 5.45
C TYR B 95 -29.37 3.96 4.33
N CYS B 96 -29.87 5.17 4.22
CA CYS B 96 -30.79 5.60 3.19
C CYS B 96 -29.98 6.31 2.10
N THR B 97 -30.24 5.98 0.83
CA THR B 97 -29.51 6.63 -0.26
C THR B 97 -30.45 7.10 -1.36
N ARG B 98 -30.04 8.17 -2.04
CA ARG B 98 -30.61 8.54 -3.33
C ARG B 98 -29.63 8.10 -4.41
N ASP B 99 -30.16 7.50 -5.48
CA ASP B 99 -29.33 6.99 -6.56
C ASP B 99 -29.51 7.82 -7.82
N LEU B 100 -28.46 7.85 -8.63
CA LEU B 100 -28.52 8.32 -10.02
C LEU B 100 -28.46 7.07 -10.90
N ARG B 101 -29.64 6.59 -11.30
CA ARG B 101 -29.71 5.34 -12.07
C ARG B 101 -28.85 5.39 -13.32
N MET B 102 -28.80 6.55 -13.99
CA MET B 102 -28.06 6.66 -15.24
C MET B 102 -26.56 6.48 -15.07
N SER B 103 -26.02 6.71 -13.86
CA SER B 103 -24.60 6.57 -13.63
C SER B 103 -24.27 5.53 -12.56
N ASP B 104 -25.26 4.78 -12.09
CA ASP B 104 -25.04 3.61 -11.24
C ASP B 104 -24.25 3.95 -9.99
N TYR B 105 -24.76 4.91 -9.21
CA TYR B 105 -24.09 5.23 -7.95
C TYR B 105 -25.04 5.97 -7.02
N PHE B 106 -24.71 5.92 -5.73
CA PHE B 106 -25.48 6.58 -4.69
C PHE B 106 -24.86 7.94 -4.44
N ASP B 107 -25.62 9.01 -4.73
CA ASP B 107 -25.02 10.33 -4.69
C ASP B 107 -25.24 11.06 -3.38
N TYR B 108 -26.18 10.61 -2.55
CA TYR B 108 -26.46 11.18 -1.23
C TYR B 108 -26.81 10.05 -0.27
N TRP B 109 -26.37 10.18 0.98
CA TRP B 109 -26.64 9.17 1.98
C TRP B 109 -27.32 9.79 3.20
N GLY B 110 -28.05 8.96 3.95
CA GLY B 110 -28.63 9.37 5.20
C GLY B 110 -27.64 9.24 6.33
N GLN B 111 -28.05 9.70 7.51
CA GLN B 111 -27.18 9.63 8.68
C GLN B 111 -27.05 8.22 9.22
N GLY B 112 -27.93 7.30 8.84
CA GLY B 112 -27.94 5.95 9.37
C GLY B 112 -28.78 5.83 10.64
N THR B 113 -29.29 4.62 10.86
CA THR B 113 -29.92 4.26 12.12
C THR B 113 -29.57 2.82 12.43
N MET B 114 -29.29 2.55 13.71
CA MET B 114 -28.85 1.22 14.11
C MET B 114 -30.05 0.30 14.33
N VAL B 115 -29.91 -0.94 13.89
CA VAL B 115 -30.90 -2.00 14.09
C VAL B 115 -30.17 -3.17 14.74
N THR B 116 -30.67 -3.62 15.89
CA THR B 116 -30.06 -4.71 16.62
C THR B 116 -31.07 -5.84 16.75
N VAL B 117 -30.69 -7.03 16.32
CA VAL B 117 -31.51 -8.22 16.46
C VAL B 117 -30.82 -9.12 17.48
N SER B 118 -31.33 -9.13 18.71
CA SER B 118 -30.76 -9.94 19.77
C SER B 118 -31.87 -10.54 20.62
N SER B 119 -31.66 -11.80 21.02
CA SER B 119 -32.53 -12.47 21.98
C SER B 119 -31.96 -12.45 23.38
N ALA B 120 -30.80 -11.83 23.57
CA ALA B 120 -30.19 -11.76 24.89
C ALA B 120 -31.09 -10.99 25.86
N SER B 121 -31.01 -11.38 27.12
CA SER B 121 -31.61 -10.69 28.25
C SER B 121 -30.51 -10.35 29.24
N THR B 122 -30.87 -9.62 30.29
CA THR B 122 -29.87 -9.21 31.28
C THR B 122 -29.28 -10.45 31.96
N LYS B 123 -27.95 -10.51 31.99
CA LYS B 123 -27.24 -11.63 32.60
C LYS B 123 -25.87 -11.18 33.09
N GLY B 124 -25.53 -11.58 34.32
CA GLY B 124 -24.27 -11.26 34.91
C GLY B 124 -23.16 -12.16 34.39
N PRO B 125 -21.91 -11.72 34.52
CA PRO B 125 -20.79 -12.48 33.97
C PRO B 125 -20.21 -13.51 34.92
N SER B 126 -19.60 -14.52 34.32
CA SER B 126 -18.73 -15.44 35.03
C SER B 126 -17.30 -14.93 34.92
N VAL B 127 -16.58 -14.94 36.05
CA VAL B 127 -15.23 -14.41 36.11
C VAL B 127 -14.26 -15.56 36.34
N PHE B 128 -13.19 -15.59 35.55
CA PHE B 128 -12.19 -16.64 35.66
C PHE B 128 -10.80 -16.03 35.74
N PRO B 129 -9.90 -16.63 36.52
CA PRO B 129 -8.55 -16.07 36.64
C PRO B 129 -7.67 -16.55 35.51
N LEU B 130 -6.93 -15.61 34.93
CA LEU B 130 -5.91 -15.91 33.92
C LEU B 130 -4.56 -15.86 34.61
N ALA B 131 -4.06 -17.03 34.99
CA ALA B 131 -2.86 -17.10 35.83
C ALA B 131 -1.61 -16.70 35.04
N PRO B 132 -0.60 -16.16 35.73
CA PRO B 132 0.66 -15.83 35.05
C PRO B 132 1.57 -17.03 34.90
N SER B 133 2.34 -17.01 33.81
CA SER B 133 3.35 -18.03 33.51
C SER B 133 4.67 -17.77 34.25
N GLY B 140 11.51 -10.93 33.39
CA GLY B 140 11.54 -9.95 34.47
C GLY B 140 10.19 -9.32 34.75
N THR B 141 9.24 -9.52 33.84
CA THR B 141 7.89 -9.00 33.97
C THR B 141 6.90 -10.09 33.59
N ALA B 142 5.76 -10.10 34.27
CA ALA B 142 4.72 -11.12 34.05
C ALA B 142 3.39 -10.45 33.77
N ALA B 143 2.56 -11.12 32.99
CA ALA B 143 1.21 -10.66 32.67
C ALA B 143 0.21 -11.59 33.35
N LEU B 144 -0.81 -11.01 33.97
CA LEU B 144 -1.91 -11.78 34.53
C LEU B 144 -3.20 -11.04 34.24
N GLY B 145 -4.32 -11.72 34.45
CA GLY B 145 -5.59 -11.04 34.30
C GLY B 145 -6.74 -11.92 34.72
N CYS B 146 -7.94 -11.53 34.30
CA CYS B 146 -9.11 -12.33 34.57
C CYS B 146 -10.14 -12.14 33.47
N LEU B 147 -10.86 -13.21 33.18
CA LEU B 147 -11.78 -13.31 32.05
C LEU B 147 -13.21 -13.04 32.51
N VAL B 148 -13.86 -12.07 31.86
CA VAL B 148 -15.23 -11.68 32.20
C VAL B 148 -16.12 -12.13 31.05
N LYS B 149 -16.98 -13.12 31.31
CA LYS B 149 -17.55 -13.91 30.24
C LYS B 149 -19.06 -13.94 30.29
N ASP B 150 -19.67 -13.82 29.12
CA ASP B 150 -21.09 -14.09 28.90
C ASP B 150 -21.96 -13.22 29.81
N TYR B 151 -21.96 -11.92 29.52
CA TYR B 151 -22.79 -10.99 30.23
C TYR B 151 -23.59 -10.15 29.26
N PHE B 152 -24.68 -9.57 29.75
CA PHE B 152 -25.53 -8.70 28.95
C PHE B 152 -26.37 -7.87 29.89
N PRO B 153 -26.50 -6.55 29.67
CA PRO B 153 -25.83 -5.84 28.59
C PRO B 153 -24.51 -5.20 29.00
N GLU B 154 -23.96 -4.40 28.08
CA GLU B 154 -22.83 -3.55 28.42
C GLU B 154 -23.30 -2.44 29.36
N PRO B 155 -22.39 -1.87 30.17
CA PRO B 155 -20.97 -2.23 30.22
C PRO B 155 -20.55 -3.06 31.43
N VAL B 156 -19.24 -3.21 31.57
CA VAL B 156 -18.62 -3.91 32.69
C VAL B 156 -17.38 -3.10 33.09
N THR B 157 -17.22 -2.83 34.37
CA THR B 157 -16.03 -2.16 34.87
C THR B 157 -15.19 -3.14 35.68
N VAL B 158 -13.89 -3.08 35.46
CA VAL B 158 -12.92 -3.94 36.13
C VAL B 158 -11.92 -3.04 36.83
N SER B 159 -11.63 -3.35 38.09
CA SER B 159 -10.53 -2.72 38.80
C SER B 159 -9.68 -3.80 39.44
N TRP B 160 -8.49 -3.42 39.86
CA TRP B 160 -7.55 -4.33 40.48
C TRP B 160 -7.23 -3.88 41.88
N ASN B 161 -7.33 -4.81 42.84
CA ASN B 161 -7.05 -4.56 44.25
C ASN B 161 -7.83 -3.35 44.77
N SER B 162 -9.11 -3.28 44.40
CA SER B 162 -10.02 -2.25 44.89
C SER B 162 -9.57 -0.84 44.52
N GLY B 163 -8.90 -0.69 43.39
CA GLY B 163 -8.41 0.61 42.97
C GLY B 163 -6.99 0.93 43.42
N ALA B 164 -6.40 0.08 44.26
CA ALA B 164 -5.02 0.28 44.68
C ALA B 164 -4.02 0.03 43.55
N LEU B 165 -4.36 -0.85 42.62
CA LEU B 165 -3.50 -1.15 41.48
C LEU B 165 -4.15 -0.60 40.22
N THR B 166 -3.53 0.41 39.63
CA THR B 166 -4.00 0.94 38.36
C THR B 166 -2.92 1.02 37.29
N SER B 167 -1.65 0.85 37.64
CA SER B 167 -0.55 0.95 36.67
C SER B 167 -0.33 -0.38 35.99
N GLY B 168 -0.15 -0.35 34.67
CA GLY B 168 -0.02 -1.58 33.92
C GLY B 168 -1.34 -2.28 33.66
N VAL B 169 -2.45 -1.62 33.93
CA VAL B 169 -3.77 -2.21 33.76
C VAL B 169 -4.27 -1.92 32.36
N HIS B 170 -4.84 -2.94 31.72
CA HIS B 170 -5.42 -2.80 30.39
C HIS B 170 -6.65 -3.67 30.32
N THR B 171 -7.82 -3.04 30.21
CA THR B 171 -9.11 -3.72 30.14
C THR B 171 -9.61 -3.57 28.71
N PHE B 172 -9.57 -4.65 27.96
CA PHE B 172 -9.84 -4.58 26.54
C PHE B 172 -11.34 -4.42 26.30
N PRO B 173 -11.72 -3.78 25.19
CA PRO B 173 -13.14 -3.76 24.81
C PRO B 173 -13.67 -5.16 24.57
N ALA B 174 -14.98 -5.29 24.74
CA ALA B 174 -15.65 -6.58 24.68
C ALA B 174 -15.80 -7.06 23.23
N VAL B 175 -15.89 -8.38 23.10
CA VAL B 175 -16.37 -9.01 21.88
C VAL B 175 -17.85 -9.30 22.05
N LEU B 176 -18.63 -9.02 20.99
CA LEU B 176 -20.04 -9.42 20.95
C LEU B 176 -20.12 -10.79 20.30
N GLN B 177 -20.44 -11.80 21.09
CA GLN B 177 -20.52 -13.16 20.56
C GLN B 177 -21.75 -13.34 19.68
N SER B 178 -21.76 -14.43 18.92
CA SER B 178 -22.95 -14.74 18.13
C SER B 178 -24.10 -15.20 19.01
N SER B 179 -23.85 -15.51 20.28
CA SER B 179 -24.91 -15.78 21.23
C SER B 179 -25.60 -14.52 21.74
N GLY B 180 -25.20 -13.34 21.26
CA GLY B 180 -25.71 -12.10 21.77
C GLY B 180 -25.11 -11.64 23.09
N LEU B 181 -24.25 -12.44 23.70
CA LEU B 181 -23.64 -12.06 24.97
C LEU B 181 -22.24 -11.49 24.75
N TYR B 182 -21.82 -10.61 25.65
CA TYR B 182 -20.50 -10.01 25.60
C TYR B 182 -19.52 -10.77 26.48
N SER B 183 -18.25 -10.67 26.13
CA SER B 183 -17.14 -11.10 26.96
C SER B 183 -16.03 -10.08 26.80
N LEU B 184 -15.23 -9.91 27.85
CA LEU B 184 -14.06 -9.06 27.80
C LEU B 184 -12.99 -9.66 28.70
N SER B 185 -11.81 -9.05 28.67
CA SER B 185 -10.69 -9.49 29.49
C SER B 185 -9.94 -8.25 29.94
N SER B 186 -9.48 -8.29 31.19
CA SER B 186 -8.64 -7.24 31.74
C SER B 186 -7.32 -7.87 32.11
N VAL B 187 -6.23 -7.24 31.71
CA VAL B 187 -4.89 -7.77 31.93
C VAL B 187 -4.07 -6.69 32.63
N VAL B 188 -3.18 -7.11 33.52
CA VAL B 188 -2.28 -6.20 34.21
C VAL B 188 -0.88 -6.81 34.18
N THR B 189 0.11 -6.00 33.83
CA THR B 189 1.51 -6.43 33.80
C THR B 189 2.18 -6.04 35.12
N VAL B 190 2.79 -7.03 35.77
CA VAL B 190 3.35 -6.84 37.11
C VAL B 190 4.80 -7.29 37.10
N PRO B 191 5.61 -6.77 38.02
CA PRO B 191 6.95 -7.33 38.21
C PRO B 191 6.87 -8.78 38.65
N SER B 192 7.64 -9.65 37.97
CA SER B 192 7.65 -11.06 38.32
C SER B 192 8.15 -11.30 39.73
N SER B 193 8.91 -10.36 40.31
CA SER B 193 9.47 -10.59 41.63
C SER B 193 8.40 -10.53 42.71
N SER B 194 7.27 -9.86 42.44
CA SER B 194 6.17 -9.75 43.38
C SER B 194 5.13 -10.84 43.22
N LEU B 195 5.31 -11.78 42.27
CA LEU B 195 4.32 -12.82 42.06
C LEU B 195 4.11 -13.67 43.30
N GLY B 196 5.14 -13.77 44.15
CA GLY B 196 5.03 -14.60 45.33
C GLY B 196 4.67 -13.82 46.58
N THR B 197 4.74 -12.50 46.53
CA THR B 197 4.59 -11.67 47.71
C THR B 197 3.45 -10.67 47.65
N GLN B 198 2.91 -10.36 46.47
CA GLN B 198 1.85 -9.40 46.31
C GLN B 198 0.58 -10.11 45.86
N THR B 199 -0.54 -9.77 46.49
CA THR B 199 -1.82 -10.35 46.13
C THR B 199 -2.46 -9.53 45.01
N TYR B 200 -3.04 -10.23 44.04
CA TYR B 200 -3.68 -9.61 42.90
C TYR B 200 -5.13 -10.09 42.83
N ILE B 201 -6.06 -9.18 43.05
CA ILE B 201 -7.49 -9.46 42.99
C ILE B 201 -8.10 -8.50 41.98
N CYS B 202 -8.82 -9.04 41.01
CA CYS B 202 -9.56 -8.22 40.05
C CYS B 202 -11.00 -8.11 40.50
N ASN B 203 -11.53 -6.88 40.50
CA ASN B 203 -12.89 -6.60 40.93
C ASN B 203 -13.74 -6.32 39.70
N VAL B 204 -14.69 -7.19 39.41
CA VAL B 204 -15.55 -7.07 38.24
C VAL B 204 -16.94 -6.63 38.70
N ASN B 205 -17.48 -5.59 38.05
CA ASN B 205 -18.75 -4.99 38.41
C ASN B 205 -19.63 -4.84 37.17
N HIS B 206 -20.83 -5.42 37.23
CA HIS B 206 -21.83 -5.37 36.15
C HIS B 206 -23.14 -4.91 36.78
N LYS B 207 -23.35 -3.60 36.83
CA LYS B 207 -24.51 -3.03 37.53
C LYS B 207 -25.85 -3.59 37.08
N PRO B 208 -26.15 -3.75 35.77
CA PRO B 208 -27.49 -4.22 35.37
C PRO B 208 -27.92 -5.51 36.07
N SER B 209 -26.97 -6.27 36.60
CA SER B 209 -27.26 -7.54 37.26
C SER B 209 -26.86 -7.55 38.72
N ASN B 210 -26.50 -6.40 39.29
CA ASN B 210 -26.00 -6.31 40.67
C ASN B 210 -24.88 -7.33 40.91
N THR B 211 -24.02 -7.52 39.92
CA THR B 211 -22.91 -8.43 40.02
C THR B 211 -21.66 -7.68 40.48
N LYS B 212 -21.06 -8.15 41.56
CA LYS B 212 -19.73 -7.70 41.98
C LYS B 212 -18.91 -8.93 42.30
N VAL B 213 -17.81 -9.13 41.60
CA VAL B 213 -16.97 -10.30 41.83
C VAL B 213 -15.56 -9.84 42.17
N ASP B 214 -15.01 -10.38 43.25
CA ASP B 214 -13.58 -10.30 43.53
C ASP B 214 -12.99 -11.65 43.18
N LYS B 215 -12.03 -11.65 42.26
CA LYS B 215 -11.35 -12.87 41.85
C LYS B 215 -9.86 -12.67 42.06
N LYS B 216 -9.26 -13.51 42.89
CA LYS B 216 -7.82 -13.49 43.08
C LYS B 216 -7.16 -14.28 41.96
N VAL B 217 -6.10 -13.71 41.38
CA VAL B 217 -5.33 -14.37 40.33
C VAL B 217 -3.99 -14.78 40.95
N GLU B 218 -3.81 -16.07 41.13
CA GLU B 218 -2.61 -16.60 41.74
C GLU B 218 -1.67 -17.15 40.67
N PRO B 219 -0.38 -17.23 40.97
CA PRO B 219 0.53 -17.96 40.06
C PRO B 219 0.21 -19.44 40.08
N LYS B 220 0.52 -20.10 38.97
CA LYS B 220 0.32 -21.53 38.88
C LYS B 220 1.19 -22.24 39.91
N SER B 221 0.62 -23.26 40.56
CA SER B 221 1.33 -24.01 41.59
C SER B 221 2.61 -24.63 41.08
N CYS B 222 2.73 -24.80 39.78
CA CYS B 222 3.81 -25.51 39.16
C CYS B 222 4.75 -24.55 38.43
N ASN C 1 -22.90 -13.54 -10.39
CA ASN C 1 -22.40 -12.18 -10.50
C ASN C 1 -20.89 -12.11 -10.31
N PHE C 2 -20.40 -11.05 -9.66
CA PHE C 2 -18.97 -10.84 -9.51
C PHE C 2 -18.67 -10.35 -8.10
N MET C 3 -17.37 -10.26 -7.80
CA MET C 3 -16.88 -9.74 -6.54
C MET C 3 -15.86 -8.62 -6.81
N LEU C 4 -15.78 -7.68 -5.89
CA LEU C 4 -14.77 -6.65 -5.92
C LEU C 4 -13.89 -6.79 -4.69
N THR C 5 -12.58 -6.87 -4.91
CA THR C 5 -11.61 -7.18 -3.87
C THR C 5 -10.66 -6.00 -3.71
N GLN C 6 -10.60 -5.46 -2.50
CA GLN C 6 -9.68 -4.39 -2.15
C GLN C 6 -8.63 -4.87 -1.15
N PRO C 7 -7.50 -4.18 -1.05
CA PRO C 7 -6.56 -4.46 0.04
C PRO C 7 -7.17 -4.14 1.39
N HIS C 8 -6.71 -4.85 2.43
CA HIS C 8 -7.27 -4.65 3.76
C HIS C 8 -6.98 -3.23 4.25
N SER C 9 -5.75 -2.75 4.07
CA SER C 9 -5.39 -1.42 4.53
C SER C 9 -4.25 -0.86 3.70
N VAL C 10 -4.18 0.47 3.64
CA VAL C 10 -3.04 1.19 3.07
C VAL C 10 -2.69 2.31 4.02
N SER C 11 -1.46 2.82 3.86
CA SER C 11 -1.02 3.92 4.72
C SER C 11 0.10 4.68 4.03
N GLU C 12 0.16 5.98 4.31
CA GLU C 12 1.30 6.81 3.92
C GLU C 12 1.33 8.04 4.80
N SER C 13 2.42 8.81 4.65
CA SER C 13 2.62 10.04 5.41
C SER C 13 1.86 11.18 4.78
N PRO C 14 1.50 12.20 5.57
CA PRO C 14 0.84 13.39 5.01
C PRO C 14 1.64 13.94 3.83
N GLY C 15 0.91 14.46 2.84
CA GLY C 15 1.52 15.04 1.66
C GLY C 15 1.96 14.04 0.62
N LYS C 16 2.07 12.77 0.97
CA LYS C 16 2.41 11.71 0.05
C LYS C 16 1.14 11.23 -0.66
N THR C 17 1.23 10.13 -1.40
CA THR C 17 0.09 9.64 -2.16
C THR C 17 -0.12 8.15 -1.91
N VAL C 18 -1.34 7.71 -2.24
CA VAL C 18 -1.80 6.35 -1.93
C VAL C 18 -2.75 5.92 -3.04
N THR C 19 -2.72 4.65 -3.37
CA THR C 19 -3.61 4.10 -4.39
C THR C 19 -4.27 2.83 -3.87
N ILE C 20 -5.58 2.73 -4.10
CA ILE C 20 -6.40 1.65 -3.56
C ILE C 20 -7.05 0.95 -4.74
N SER C 21 -6.81 -0.36 -4.85
CA SER C 21 -7.28 -1.11 -6.00
C SER C 21 -8.62 -1.76 -5.73
N CYS C 22 -9.31 -2.09 -6.83
CA CYS C 22 -10.62 -2.74 -6.81
C CYS C 22 -10.60 -3.72 -7.97
N THR C 23 -10.33 -4.99 -7.69
CA THR C 23 -10.18 -5.98 -8.74
C THR C 23 -11.49 -6.75 -8.92
N ARG C 24 -12.03 -6.69 -10.13
CA ARG C 24 -13.23 -7.44 -10.46
C ARG C 24 -12.89 -8.90 -10.73
N SER C 25 -13.56 -9.81 -10.02
CA SER C 25 -13.22 -11.22 -10.08
C SER C 25 -13.62 -11.87 -11.39
N THR C 26 -14.71 -11.42 -12.00
CA THR C 26 -15.17 -12.02 -13.25
C THR C 26 -15.95 -10.98 -14.04
N GLY C 27 -15.96 -11.12 -15.35
CA GLY C 27 -16.47 -10.07 -16.21
C GLY C 27 -15.42 -9.02 -16.45
N ASN C 28 -15.82 -7.95 -17.12
CA ASN C 28 -14.91 -6.87 -17.47
C ASN C 28 -15.17 -5.66 -16.57
N ILE C 29 -14.11 -5.19 -15.90
CA ILE C 29 -14.21 -4.03 -15.02
C ILE C 29 -14.67 -2.79 -15.80
N GLY C 30 -14.37 -2.74 -17.09
CA GLY C 30 -14.77 -1.67 -17.99
C GLY C 30 -16.19 -1.73 -18.45
N SER C 31 -16.91 -2.82 -18.16
CA SER C 31 -18.28 -2.97 -18.63
C SER C 31 -19.24 -2.06 -17.87
N ASN C 32 -19.04 -1.93 -16.56
CA ASN C 32 -19.94 -1.17 -15.69
C ASN C 32 -19.17 -0.10 -14.95
N TYR C 33 -19.84 1.03 -14.70
CA TYR C 33 -19.22 2.12 -13.96
C TYR C 33 -18.75 1.67 -12.59
N VAL C 34 -17.63 2.24 -12.16
CA VAL C 34 -17.10 2.03 -10.81
C VAL C 34 -17.25 3.35 -10.05
N SER C 35 -17.68 3.26 -8.80
CA SER C 35 -17.81 4.43 -7.95
C SER C 35 -17.07 4.17 -6.64
N TRP C 36 -16.68 5.25 -5.96
CA TRP C 36 -15.86 5.17 -4.75
C TRP C 36 -16.48 6.00 -3.63
N TYR C 37 -16.47 5.46 -2.42
CA TYR C 37 -17.11 6.10 -1.29
C TYR C 37 -16.12 6.20 -0.13
N GLN C 38 -16.07 7.39 0.47
CA GLN C 38 -15.26 7.64 1.67
C GLN C 38 -16.14 7.51 2.90
N GLN C 39 -15.62 6.86 3.94
CA GLN C 39 -16.33 6.76 5.22
C GLN C 39 -15.35 7.01 6.37
N ARG C 40 -15.37 8.23 6.88
CA ARG C 40 -14.67 8.56 8.12
C ARG C 40 -15.32 7.84 9.30
N PRO C 41 -14.56 7.58 10.36
CA PRO C 41 -15.09 6.82 11.50
C PRO C 41 -16.35 7.43 12.09
N GLY C 42 -17.39 6.61 12.21
CA GLY C 42 -18.64 7.07 12.77
C GLY C 42 -19.47 7.94 11.88
N SER C 43 -19.14 8.06 10.60
CA SER C 43 -19.86 8.91 9.69
C SER C 43 -20.55 8.10 8.60
N SER C 44 -21.52 8.72 7.97
CA SER C 44 -22.12 8.08 6.82
C SER C 44 -21.20 8.23 5.60
N PRO C 45 -21.24 7.26 4.69
CA PRO C 45 -20.42 7.35 3.49
C PRO C 45 -20.73 8.59 2.66
N THR C 46 -19.74 8.98 1.85
CA THR C 46 -19.89 10.04 0.86
C THR C 46 -19.13 9.64 -0.40
N THR C 47 -19.69 10.04 -1.54
CA THR C 47 -19.11 9.70 -2.83
C THR C 47 -17.92 10.60 -3.14
N VAL C 48 -16.80 9.98 -3.52
CA VAL C 48 -15.63 10.72 -3.97
C VAL C 48 -15.32 10.48 -5.45
N ILE C 49 -15.72 9.35 -6.02
CA ILE C 49 -15.57 9.10 -7.44
C ILE C 49 -16.84 8.40 -7.94
N TYR C 50 -17.35 8.84 -9.09
CA TYR C 50 -18.41 8.14 -9.80
C TYR C 50 -18.06 8.10 -11.29
N ARG C 51 -18.70 7.18 -12.00
CA ARG C 51 -18.44 6.95 -13.43
C ARG C 51 -16.95 6.75 -13.70
N ASP C 52 -16.37 5.77 -13.02
CA ASP C 52 -14.96 5.43 -13.13
C ASP C 52 -14.04 6.56 -12.63
N ASP C 53 -14.24 7.80 -13.11
CA ASP C 53 -13.27 8.84 -12.80
C ASP C 53 -13.84 10.25 -12.66
N GLN C 54 -15.13 10.40 -12.36
CA GLN C 54 -15.73 11.71 -12.21
C GLN C 54 -15.78 12.10 -10.74
N ARG C 55 -15.53 13.38 -10.46
CA ARG C 55 -15.57 13.78 -9.05
C ARG C 55 -16.85 14.52 -8.75
N PRO C 56 -17.57 14.13 -7.70
CA PRO C 56 -18.69 14.95 -7.21
C PRO C 56 -18.19 16.32 -6.79
N SER C 57 -19.15 17.22 -6.63
CA SER C 57 -18.83 18.53 -6.07
C SER C 57 -18.37 18.37 -4.63
N GLY C 58 -17.32 19.11 -4.27
CA GLY C 58 -16.77 19.06 -2.93
C GLY C 58 -15.57 18.15 -2.75
N VAL C 59 -15.18 17.41 -3.78
CA VAL C 59 -14.04 16.51 -3.75
C VAL C 59 -12.90 17.16 -4.52
N PRO C 60 -11.77 17.45 -3.88
CA PRO C 60 -10.65 18.09 -4.59
C PRO C 60 -10.03 17.16 -5.62
N ASP C 61 -9.32 17.76 -6.58
CA ASP C 61 -8.68 16.94 -7.60
C ASP C 61 -7.55 16.07 -7.05
N ARG C 62 -7.27 16.10 -5.74
CA ARG C 62 -6.34 15.14 -5.17
C ARG C 62 -6.86 13.72 -5.33
N PHE C 63 -8.18 13.56 -5.44
CA PHE C 63 -8.82 12.27 -5.64
C PHE C 63 -8.98 12.02 -7.13
N SER C 64 -8.73 10.79 -7.54
CA SER C 64 -8.87 10.46 -8.95
C SER C 64 -9.09 8.95 -9.07
N GLY C 65 -9.89 8.58 -10.07
CA GLY C 65 -10.16 7.19 -10.35
C GLY C 65 -9.64 6.82 -11.74
N SER C 66 -9.23 5.56 -11.88
CA SER C 66 -8.85 5.05 -13.18
C SER C 66 -9.28 3.59 -13.28
N ILE C 67 -9.26 3.08 -14.52
CA ILE C 67 -9.72 1.72 -14.81
C ILE C 67 -8.62 0.99 -15.59
N ASP C 68 -8.23 -0.18 -15.09
CA ASP C 68 -7.25 -1.03 -15.75
C ASP C 68 -7.97 -2.25 -16.32
N ARG C 69 -8.17 -2.26 -17.63
CA ARG C 69 -8.91 -3.32 -18.30
C ARG C 69 -8.12 -4.63 -18.42
N SER C 70 -6.80 -4.59 -18.25
CA SER C 70 -5.99 -5.80 -18.33
C SER C 70 -5.90 -6.54 -17.01
N SER C 71 -5.70 -5.81 -15.92
CA SER C 71 -5.77 -6.45 -14.62
C SER C 71 -7.18 -6.57 -14.11
N ASN C 72 -8.16 -6.06 -14.86
CA ASN C 72 -9.56 -6.08 -14.48
C ASN C 72 -9.74 -5.39 -13.12
N SER C 73 -9.26 -4.16 -13.03
CA SER C 73 -9.17 -3.50 -11.74
C SER C 73 -9.41 -2.00 -11.90
N ALA C 74 -10.07 -1.42 -10.92
CA ALA C 74 -10.24 0.01 -10.80
C ALA C 74 -9.36 0.53 -9.67
N SER C 75 -8.97 1.79 -9.75
CA SER C 75 -8.10 2.37 -8.74
C SER C 75 -8.61 3.73 -8.29
N LEU C 76 -8.52 3.98 -6.99
CA LEU C 76 -8.66 5.30 -6.43
C LEU C 76 -7.29 5.78 -5.98
N THR C 77 -6.91 6.98 -6.39
CA THR C 77 -5.63 7.56 -6.01
C THR C 77 -5.89 8.84 -5.22
N ILE C 78 -5.17 8.99 -4.12
CA ILE C 78 -5.27 10.18 -3.27
C ILE C 78 -3.86 10.72 -3.13
N SER C 79 -3.61 11.91 -3.65
CA SER C 79 -2.33 12.57 -3.50
C SER C 79 -2.44 13.73 -2.51
N GLY C 80 -1.27 14.23 -2.10
CA GLY C 80 -1.17 15.29 -1.12
C GLY C 80 -2.00 15.01 0.11
N LEU C 81 -1.82 13.81 0.70
CA LEU C 81 -2.64 13.35 1.81
C LEU C 81 -2.73 14.38 2.92
N LYS C 82 -3.94 14.52 3.47
CA LYS C 82 -4.22 15.29 4.67
C LYS C 82 -4.77 14.36 5.73
N THR C 83 -4.79 14.85 6.98
CA THR C 83 -5.25 14.03 8.09
C THR C 83 -6.69 13.59 7.89
N GLU C 84 -7.55 14.50 7.42
CA GLU C 84 -8.96 14.16 7.25
C GLU C 84 -9.20 13.17 6.12
N ASP C 85 -8.17 12.82 5.34
CA ASP C 85 -8.35 11.76 4.34
C ASP C 85 -8.43 10.38 4.98
N GLU C 86 -8.04 10.25 6.25
CA GLU C 86 -8.02 8.95 6.93
C GLU C 86 -9.44 8.40 7.02
N ALA C 87 -9.72 7.33 6.29
CA ALA C 87 -11.08 6.82 6.21
C ALA C 87 -11.04 5.36 5.78
N ASP C 88 -12.22 4.76 5.74
CA ASP C 88 -12.43 3.52 4.99
C ASP C 88 -12.98 3.90 3.62
N TYR C 89 -12.47 3.25 2.58
CA TYR C 89 -12.88 3.54 1.21
C TYR C 89 -13.47 2.28 0.60
N TYR C 90 -14.59 2.44 -0.10
CA TYR C 90 -15.27 1.32 -0.75
C TYR C 90 -15.46 1.61 -2.23
N CYS C 91 -15.18 0.61 -3.06
CA CYS C 91 -15.53 0.69 -4.46
C CYS C 91 -16.86 0.01 -4.69
N HIS C 92 -17.56 0.46 -5.72
CA HIS C 92 -18.87 -0.07 -6.02
C HIS C 92 -19.06 -0.18 -7.51
N SER C 93 -19.68 -1.28 -7.94
CA SER C 93 -20.09 -1.44 -9.32
C SER C 93 -21.43 -2.14 -9.34
N TYR C 94 -22.21 -1.87 -10.39
CA TYR C 94 -23.57 -2.36 -10.52
C TYR C 94 -23.72 -3.17 -11.80
N SER C 95 -24.27 -4.37 -11.66
CA SER C 95 -24.81 -5.14 -12.76
C SER C 95 -26.31 -5.20 -12.59
N THR C 96 -27.02 -5.47 -13.69
CA THR C 96 -28.48 -5.41 -13.71
C THR C 96 -29.09 -6.19 -12.55
N GLY C 97 -29.76 -5.46 -11.67
CA GLY C 97 -30.40 -6.05 -10.50
C GLY C 97 -29.47 -6.52 -9.40
N MET C 98 -28.19 -6.15 -9.41
CA MET C 98 -27.27 -6.50 -8.35
C MET C 98 -26.29 -5.36 -8.10
N TYR C 99 -26.12 -5.00 -6.84
CA TYR C 99 -25.19 -3.94 -6.42
C TYR C 99 -24.06 -4.58 -5.63
N ILE C 100 -22.83 -4.40 -6.11
CA ILE C 100 -21.67 -5.09 -5.56
C ILE C 100 -20.72 -4.08 -4.95
N PHE C 101 -20.29 -4.33 -3.72
CA PHE C 101 -19.34 -3.48 -3.02
C PHE C 101 -18.03 -4.24 -2.84
N GLY C 102 -16.93 -3.49 -2.90
CA GLY C 102 -15.66 -4.03 -2.46
C GLY C 102 -15.64 -4.23 -0.96
N GLY C 103 -14.60 -4.92 -0.48
CA GLY C 103 -14.50 -5.19 0.94
C GLY C 103 -14.24 -3.96 1.78
N GLY C 104 -13.63 -2.94 1.21
CA GLY C 104 -13.23 -1.80 2.00
C GLY C 104 -11.74 -1.79 2.28
N THR C 105 -11.18 -0.59 2.33
CA THR C 105 -9.75 -0.38 2.57
C THR C 105 -9.58 0.70 3.62
N LYS C 106 -8.93 0.35 4.73
CA LYS C 106 -8.55 1.34 5.73
C LYS C 106 -7.37 2.16 5.21
N LEU C 107 -7.55 3.46 5.15
CA LEU C 107 -6.46 4.40 4.87
C LEU C 107 -6.03 5.06 6.17
N THR C 108 -4.78 4.85 6.57
CA THR C 108 -4.17 5.49 7.74
C THR C 108 -3.18 6.53 7.26
N VAL C 109 -3.46 7.80 7.54
CA VAL C 109 -2.44 8.83 7.38
C VAL C 109 -1.54 8.78 8.61
N LEU C 110 -0.28 8.42 8.39
CA LEU C 110 0.63 8.15 9.50
C LEU C 110 0.89 9.42 10.29
N GLY C 111 0.69 9.32 11.61
CA GLY C 111 0.95 10.41 12.53
C GLY C 111 1.96 10.01 13.59
N GLN C 112 2.47 8.79 13.48
CA GLN C 112 3.47 8.26 14.39
C GLN C 112 4.14 7.06 13.72
N PRO C 113 5.26 6.57 14.28
CA PRO C 113 5.92 5.42 13.65
C PRO C 113 5.06 4.17 13.67
N LYS C 114 5.23 3.34 12.66
CA LYS C 114 4.56 2.04 12.65
C LYS C 114 5.04 1.23 13.85
N ALA C 115 4.14 0.43 14.42
CA ALA C 115 4.39 -0.18 15.72
C ALA C 115 3.87 -1.61 15.74
N ALA C 116 4.71 -2.55 16.16
CA ALA C 116 4.30 -3.95 16.15
C ALA C 116 3.41 -4.26 17.33
N PRO C 117 2.49 -5.21 17.19
CA PRO C 117 1.57 -5.51 18.29
C PRO C 117 2.23 -6.30 19.40
N SER C 118 1.83 -6.02 20.63
CA SER C 118 2.19 -6.82 21.79
C SER C 118 1.09 -7.85 22.02
N VAL C 119 1.45 -9.13 22.01
CA VAL C 119 0.48 -10.22 21.96
C VAL C 119 0.66 -11.11 23.18
N THR C 120 -0.44 -11.35 23.90
CA THR C 120 -0.46 -12.27 25.02
C THR C 120 -1.55 -13.30 24.81
N LEU C 121 -1.23 -14.57 25.03
CA LEU C 121 -2.18 -15.67 24.87
C LEU C 121 -2.31 -16.42 26.18
N PHE C 122 -3.53 -16.48 26.71
CA PHE C 122 -3.78 -17.22 27.94
C PHE C 122 -4.51 -18.52 27.65
N PRO C 123 -4.09 -19.61 28.27
CA PRO C 123 -4.82 -20.87 28.14
C PRO C 123 -6.04 -20.89 29.04
N PRO C 124 -6.96 -21.81 28.84
CA PRO C 124 -8.14 -21.89 29.72
C PRO C 124 -7.72 -22.13 31.16
N SER C 125 -8.47 -21.52 32.07
CA SER C 125 -8.20 -21.70 33.48
C SER C 125 -8.69 -23.08 33.93
N SER C 126 -8.11 -23.55 35.04
CA SER C 126 -8.65 -24.73 35.70
C SER C 126 -10.10 -24.50 36.11
N GLU C 127 -10.41 -23.29 36.57
CA GLU C 127 -11.76 -22.91 36.93
C GLU C 127 -12.72 -23.15 35.77
N GLU C 128 -12.38 -22.62 34.59
CA GLU C 128 -13.27 -22.77 33.45
C GLU C 128 -13.41 -24.22 33.03
N LEU C 129 -12.31 -24.98 33.07
CA LEU C 129 -12.37 -26.39 32.68
C LEU C 129 -13.26 -27.18 33.64
N GLN C 130 -13.14 -26.91 34.95
CA GLN C 130 -14.01 -27.54 35.93
C GLN C 130 -15.47 -27.16 35.71
N ALA C 131 -15.74 -25.97 35.19
CA ALA C 131 -17.09 -25.63 34.75
C ALA C 131 -17.41 -26.20 33.37
N ASN C 132 -16.58 -27.13 32.89
CA ASN C 132 -16.84 -27.84 31.63
C ASN C 132 -16.90 -26.85 30.46
N LYS C 133 -15.86 -26.03 30.36
CA LYS C 133 -15.73 -25.03 29.30
C LYS C 133 -14.26 -24.74 29.09
N ALA C 134 -13.94 -24.21 27.91
CA ALA C 134 -12.55 -23.89 27.58
C ALA C 134 -12.52 -22.68 26.66
N THR C 135 -11.80 -21.63 27.07
CA THR C 135 -11.67 -20.43 26.27
C THR C 135 -10.22 -20.00 26.21
N LEU C 136 -9.72 -19.73 25.01
CA LEU C 136 -8.37 -19.19 24.82
C LEU C 136 -8.46 -17.70 24.54
N VAL C 137 -7.71 -16.90 25.32
CA VAL C 137 -7.79 -15.45 25.28
C VAL C 137 -6.49 -14.89 24.72
N CYS C 138 -6.59 -14.23 23.56
CA CYS C 138 -5.44 -13.69 22.85
C CYS C 138 -5.56 -12.17 22.78
N LEU C 139 -4.70 -11.49 23.55
CA LEU C 139 -4.78 -10.06 23.78
C LEU C 139 -3.73 -9.33 22.95
N ILE C 140 -4.18 -8.37 22.15
CA ILE C 140 -3.34 -7.71 21.15
C ILE C 140 -3.42 -6.21 21.42
N SER C 141 -2.27 -5.60 21.69
CA SER C 141 -2.24 -4.19 22.06
C SER C 141 -1.03 -3.53 21.43
N ASP C 142 -1.10 -2.19 21.35
CA ASP C 142 0.04 -1.34 20.99
C ASP C 142 0.50 -1.54 19.55
N PHE C 143 -0.43 -1.53 18.60
CA PHE C 143 -0.07 -1.66 17.21
C PHE C 143 -0.63 -0.50 16.40
N TYR C 144 0.17 -0.04 15.44
CA TYR C 144 -0.19 1.08 14.60
C TYR C 144 0.43 0.84 13.22
N PRO C 145 -0.35 1.00 12.13
CA PRO C 145 -1.75 1.41 12.14
C PRO C 145 -2.73 0.35 12.66
N GLY C 146 -3.96 0.77 12.93
CA GLY C 146 -4.98 -0.08 13.52
C GLY C 146 -5.62 -1.08 12.59
N ALA C 147 -4.82 -1.98 12.01
CA ALA C 147 -5.33 -3.05 11.17
C ALA C 147 -4.58 -4.33 11.53
N VAL C 148 -5.31 -5.40 11.84
CA VAL C 148 -4.68 -6.68 12.14
C VAL C 148 -5.53 -7.82 11.57
N THR C 149 -4.91 -8.99 11.55
CA THR C 149 -5.51 -10.22 11.06
C THR C 149 -5.15 -11.33 12.02
N VAL C 150 -6.14 -12.11 12.41
CA VAL C 150 -5.95 -13.14 13.43
C VAL C 150 -6.32 -14.50 12.86
N ALA C 151 -5.51 -15.48 13.14
CA ALA C 151 -5.77 -16.87 12.76
C ALA C 151 -5.32 -17.77 13.90
N TRP C 152 -6.02 -18.88 14.06
CA TRP C 152 -5.76 -19.81 15.15
C TRP C 152 -5.34 -21.16 14.59
N LYS C 153 -4.35 -21.76 15.23
CA LYS C 153 -3.86 -23.08 14.87
C LYS C 153 -4.19 -24.07 15.99
N ALA C 154 -4.65 -25.26 15.60
CA ALA C 154 -4.71 -26.40 16.50
C ALA C 154 -3.51 -27.26 16.17
N ASP C 155 -2.52 -27.25 17.07
CA ASP C 155 -1.16 -27.71 16.74
C ASP C 155 -0.65 -26.87 15.58
N SER C 156 -0.63 -27.45 14.38
CA SER C 156 -0.24 -26.73 13.17
C SER C 156 -1.35 -26.68 12.14
N SER C 157 -2.56 -27.11 12.49
CA SER C 157 -3.73 -27.13 11.61
C SER C 157 -4.61 -25.93 11.89
N PRO C 158 -5.11 -25.28 10.83
CA PRO C 158 -5.93 -24.07 11.02
C PRO C 158 -7.22 -24.37 11.77
N VAL C 159 -7.64 -23.42 12.61
CA VAL C 159 -8.91 -23.46 13.32
C VAL C 159 -9.78 -22.35 12.76
N LYS C 160 -10.90 -22.72 12.15
CA LYS C 160 -11.81 -21.73 11.58
C LYS C 160 -13.04 -21.47 12.44
N ALA C 161 -13.47 -22.46 13.24
CA ALA C 161 -14.69 -22.37 14.02
C ALA C 161 -14.38 -21.93 15.45
N GLY C 162 -15.38 -21.31 16.08
CA GLY C 162 -15.27 -20.93 17.47
C GLY C 162 -14.42 -19.70 17.72
N VAL C 163 -14.16 -18.90 16.69
CA VAL C 163 -13.27 -17.75 16.79
C VAL C 163 -14.12 -16.49 16.80
N GLU C 164 -13.96 -15.68 17.83
CA GLU C 164 -14.58 -14.36 17.94
C GLU C 164 -13.46 -13.34 18.10
N THR C 165 -13.40 -12.37 17.18
CA THR C 165 -12.33 -11.38 17.16
C THR C 165 -12.93 -9.98 17.09
N THR C 166 -12.48 -9.08 17.96
CA THR C 166 -12.95 -7.71 17.96
C THR C 166 -12.25 -6.93 16.85
N THR C 167 -12.83 -5.79 16.50
CA THR C 167 -12.21 -4.84 15.61
C THR C 167 -11.20 -3.99 16.39
N PRO C 168 -10.23 -3.39 15.72
CA PRO C 168 -9.27 -2.54 16.45
C PRO C 168 -9.97 -1.34 17.05
N SER C 169 -9.58 -1.00 18.29
CA SER C 169 -10.10 0.17 18.97
C SER C 169 -8.94 1.04 19.43
N LYS C 170 -9.12 2.35 19.29
CA LYS C 170 -8.05 3.31 19.56
C LYS C 170 -7.78 3.42 21.06
N GLN C 171 -6.50 3.34 21.43
CA GLN C 171 -6.05 3.45 22.81
C GLN C 171 -5.81 4.90 23.20
N SER C 172 -5.35 5.10 24.44
CA SER C 172 -5.07 6.46 24.90
C SER C 172 -3.81 7.01 24.24
N ASN C 173 -2.81 6.16 24.00
CA ASN C 173 -1.59 6.55 23.31
C ASN C 173 -1.71 6.52 21.78
N ASN C 174 -2.94 6.60 21.26
CA ASN C 174 -3.25 6.64 19.84
C ASN C 174 -2.84 5.37 19.09
N LYS C 175 -2.35 4.36 19.78
CA LYS C 175 -2.21 3.05 19.16
C LYS C 175 -3.53 2.30 19.30
N TYR C 176 -3.57 1.09 18.79
CA TYR C 176 -4.80 0.31 18.74
C TYR C 176 -4.65 -1.00 19.49
N ALA C 177 -5.79 -1.52 19.94
CA ALA C 177 -5.85 -2.77 20.68
C ALA C 177 -6.98 -3.62 20.13
N ALA C 178 -6.83 -4.93 20.26
CA ALA C 178 -7.86 -5.86 19.85
C ALA C 178 -7.71 -7.14 20.66
N SER C 179 -8.65 -8.06 20.46
CA SER C 179 -8.66 -9.31 21.21
C SER C 179 -9.37 -10.36 20.37
N SER C 180 -8.98 -11.61 20.57
CA SER C 180 -9.58 -12.72 19.83
C SER C 180 -9.77 -13.88 20.79
N TYR C 181 -10.96 -14.47 20.80
CA TYR C 181 -11.31 -15.57 21.68
C TYR C 181 -11.62 -16.82 20.87
N LEU C 182 -11.05 -17.95 21.29
CA LEU C 182 -11.33 -19.26 20.70
C LEU C 182 -11.98 -20.14 21.76
N SER C 183 -13.24 -20.50 21.53
CA SER C 183 -13.96 -21.41 22.42
C SER C 183 -13.68 -22.86 22.03
N LEU C 184 -13.29 -23.68 23.01
CA LEU C 184 -12.96 -25.08 22.80
C LEU C 184 -13.78 -25.93 23.77
N THR C 185 -13.81 -27.20 23.51
CA THR C 185 -14.25 -28.04 24.61
C THR C 185 -13.04 -28.47 25.43
N PRO C 186 -13.24 -28.85 26.70
CA PRO C 186 -12.11 -29.39 27.48
C PRO C 186 -11.38 -30.54 26.82
N GLU C 187 -12.09 -31.35 26.03
CA GLU C 187 -11.44 -32.50 25.41
C GLU C 187 -10.55 -32.06 24.25
N GLN C 188 -11.07 -31.26 23.33
CA GLN C 188 -10.22 -30.79 22.24
C GLN C 188 -9.12 -29.86 22.73
N TRP C 189 -9.26 -29.28 23.93
CA TRP C 189 -8.14 -28.59 24.53
C TRP C 189 -7.06 -29.56 24.98
N LYS C 190 -7.46 -30.62 25.68
CA LYS C 190 -6.50 -31.60 26.20
C LYS C 190 -5.98 -32.56 25.13
N SER C 191 -6.72 -32.78 24.04
CA SER C 191 -6.38 -33.79 23.05
C SER C 191 -5.47 -33.26 21.95
N HIS C 192 -4.97 -32.04 22.09
CA HIS C 192 -4.00 -31.47 21.17
C HIS C 192 -2.72 -31.16 21.92
N ARG C 193 -1.62 -31.08 21.18
CA ARG C 193 -0.34 -30.77 21.82
C ARG C 193 -0.23 -29.29 22.15
N SER C 194 -0.78 -28.41 21.32
CA SER C 194 -0.75 -26.97 21.58
C SER C 194 -1.74 -26.28 20.67
N TYR C 195 -2.11 -25.06 21.06
CA TYR C 195 -2.89 -24.15 20.24
C TYR C 195 -2.10 -22.86 20.05
N SER C 196 -2.42 -22.13 18.98
CA SER C 196 -1.62 -20.97 18.61
C SER C 196 -2.48 -19.82 18.13
N CYS C 197 -2.12 -18.61 18.56
CA CYS C 197 -2.76 -17.38 18.13
C CYS C 197 -1.79 -16.64 17.21
N GLN C 198 -2.19 -16.47 15.95
CA GLN C 198 -1.34 -15.86 14.93
C GLN C 198 -1.88 -14.48 14.56
N VAL C 199 -1.12 -13.44 14.90
CA VAL C 199 -1.49 -12.05 14.66
C VAL C 199 -0.60 -11.52 13.55
N THR C 200 -1.21 -10.98 12.50
CA THR C 200 -0.45 -10.40 11.40
C THR C 200 -0.74 -8.91 11.33
N HIS C 201 0.31 -8.10 11.40
CA HIS C 201 0.20 -6.65 11.38
C HIS C 201 1.18 -6.10 10.37
N GLU C 202 0.67 -5.46 9.32
CA GLU C 202 1.49 -4.80 8.32
C GLU C 202 2.49 -5.79 7.71
N GLY C 203 2.02 -6.99 7.43
CA GLY C 203 2.82 -8.02 6.77
C GLY C 203 3.65 -8.88 7.71
N SER C 204 4.04 -8.35 8.87
CA SER C 204 4.78 -9.12 9.86
C SER C 204 3.79 -9.84 10.78
N THR C 205 4.02 -11.13 11.01
CA THR C 205 3.11 -11.96 11.78
C THR C 205 3.77 -12.40 13.08
N VAL C 206 3.08 -12.20 14.20
CA VAL C 206 3.57 -12.55 15.54
C VAL C 206 2.73 -13.70 16.08
N GLU C 207 3.39 -14.70 16.64
CA GLU C 207 2.74 -15.93 17.05
C GLU C 207 2.99 -16.19 18.53
N LYS C 208 1.95 -16.61 19.25
CA LYS C 208 2.07 -17.09 20.61
C LYS C 208 1.38 -18.44 20.72
N THR C 209 1.90 -19.28 21.61
CA THR C 209 1.48 -20.67 21.72
C THR C 209 1.35 -21.04 23.19
N VAL C 210 0.32 -21.85 23.50
CA VAL C 210 0.09 -22.36 24.85
C VAL C 210 -0.21 -23.86 24.76
N ALA C 211 0.27 -24.59 25.77
CA ALA C 211 0.13 -26.04 25.76
C ALA C 211 -0.67 -26.51 26.98
N PRO C 212 -1.39 -27.65 26.85
CA PRO C 212 -2.15 -28.20 27.99
C PRO C 212 -1.25 -28.89 29.01
N THR C 213 -0.31 -28.12 29.56
CA THR C 213 0.69 -28.63 30.49
C THR C 213 0.48 -28.03 31.87
N GLU C 214 0.75 -28.84 32.91
CA GLU C 214 0.58 -28.38 34.28
C GLU C 214 1.60 -27.33 34.67
N CYS C 215 2.81 -27.42 34.10
CA CYS C 215 3.97 -26.69 34.60
C CYS C 215 4.71 -25.95 33.52
N LYS D 3 21.55 1.30 42.54
CA LYS D 3 22.38 0.11 42.34
C LYS D 3 23.36 0.29 41.18
N VAL D 4 24.56 -0.23 41.34
CA VAL D 4 25.63 0.05 40.39
C VAL D 4 25.69 -1.06 39.34
N ILE D 5 26.13 -0.68 38.15
CA ILE D 5 26.43 -1.63 37.08
C ILE D 5 27.92 -1.90 37.11
N HIS D 6 28.30 -3.15 37.38
CA HIS D 6 29.69 -3.57 37.29
C HIS D 6 30.04 -3.72 35.82
N GLY D 7 30.81 -2.77 35.30
CA GLY D 7 31.18 -2.80 33.89
C GLY D 7 31.81 -1.48 33.49
N CYS D 8 31.76 -1.21 32.20
CA CYS D 8 32.53 -0.12 31.60
C CYS D 8 31.62 0.85 30.86
N ASN D 9 31.76 2.13 31.16
CA ASN D 9 31.10 3.20 30.43
C ASN D 9 32.12 3.79 29.48
N PHE D 10 31.86 3.66 28.17
CA PHE D 10 32.74 4.22 27.15
C PHE D 10 32.20 5.51 26.55
N SER D 11 31.00 5.92 26.95
CA SER D 11 30.40 7.15 26.47
C SER D 11 30.89 8.33 27.28
N SER D 12 30.57 9.53 26.82
CA SER D 12 30.93 10.74 27.53
C SER D 12 29.69 11.51 27.99
N ASN D 13 28.62 10.79 28.30
CA ASN D 13 27.42 11.37 28.87
C ASN D 13 27.56 11.43 30.38
N VAL D 14 27.36 12.61 30.96
CA VAL D 14 27.34 12.70 32.41
C VAL D 14 25.97 12.20 32.87
N SER D 15 25.69 10.92 32.59
CA SER D 15 24.37 10.35 32.81
C SER D 15 24.16 10.02 34.29
N SER D 16 22.91 10.14 34.72
CA SER D 16 22.51 9.74 36.05
C SER D 16 21.52 8.59 36.04
N LYS D 17 21.11 8.11 34.86
CA LYS D 17 20.25 6.94 34.81
C LYS D 17 21.04 5.67 35.08
N HIS D 18 22.32 5.67 34.74
CA HIS D 18 23.18 4.52 34.99
C HIS D 18 24.50 5.02 35.55
N THR D 19 25.06 4.22 36.45
CA THR D 19 26.37 4.47 37.03
C THR D 19 27.15 3.18 36.90
N PHE D 20 28.35 3.26 36.35
CA PHE D 20 29.16 2.07 36.14
C PHE D 20 30.32 2.05 37.12
N THR D 21 30.86 0.86 37.37
CA THR D 21 32.02 0.76 38.24
C THR D 21 33.27 1.34 37.58
N ASP D 22 33.38 1.24 36.25
CA ASP D 22 34.56 1.66 35.53
C ASP D 22 34.18 2.53 34.34
N SER D 23 35.09 3.42 33.95
CA SER D 23 34.83 4.35 32.86
C SER D 23 36.09 4.52 32.02
N LEU D 24 35.88 4.67 30.70
CA LEU D 24 37.00 4.80 29.77
C LEU D 24 36.45 5.43 28.49
N ASP D 25 36.51 6.76 28.42
CA ASP D 25 35.93 7.49 27.30
C ASP D 25 36.62 7.14 25.98
N ILE D 26 35.89 6.47 25.08
CA ILE D 26 36.52 5.97 23.86
C ILE D 26 36.88 7.12 22.90
N SER D 27 36.12 8.21 22.93
CA SER D 27 36.41 9.32 22.02
C SER D 27 37.69 10.04 22.41
N LEU D 28 38.01 10.11 23.70
CA LEU D 28 39.18 10.87 24.15
C LEU D 28 40.48 10.17 23.79
N VAL D 29 40.46 8.88 23.51
CA VAL D 29 41.68 8.17 23.12
C VAL D 29 41.70 8.07 21.59
N ASP D 30 42.64 7.32 21.02
CA ASP D 30 42.98 7.64 19.65
C ASP D 30 42.91 6.49 18.65
N ASP D 31 43.60 5.38 18.91
CA ASP D 31 43.64 4.21 18.01
C ASP D 31 44.71 3.24 18.49
N HIS D 34 43.81 -1.57 20.37
CA HIS D 34 42.69 -1.60 21.30
C HIS D 34 43.12 -1.36 22.74
N ILE D 35 42.18 -0.95 23.57
CA ILE D 35 42.40 -0.79 25.00
C ILE D 35 41.39 -1.65 25.74
N SER D 36 41.75 -2.02 26.96
CA SER D 36 40.92 -2.89 27.78
C SER D 36 40.36 -2.12 28.97
N CYS D 37 39.19 -2.57 29.40
CA CYS D 37 38.58 -2.12 30.64
C CYS D 37 38.12 -3.40 31.32
N ASN D 38 38.91 -3.86 32.30
CA ASN D 38 38.72 -5.17 32.89
C ASN D 38 37.89 -5.08 34.16
N VAL D 39 36.92 -5.97 34.29
CA VAL D 39 36.05 -6.04 35.45
C VAL D 39 36.21 -7.41 36.09
N HIS D 40 36.59 -7.43 37.37
CA HIS D 40 36.82 -8.66 38.11
C HIS D 40 35.80 -8.74 39.24
N LEU D 41 34.98 -9.79 39.23
CA LEU D 41 34.02 -10.06 40.30
C LEU D 41 34.43 -11.32 41.04
N SER D 42 34.32 -11.28 42.37
CA SER D 42 34.60 -12.45 43.19
C SER D 42 33.74 -12.36 44.44
N GLU D 43 32.69 -13.17 44.48
CA GLU D 43 31.74 -13.25 45.58
C GLU D 43 31.28 -14.70 45.69
N PRO D 44 30.98 -15.16 46.90
CA PRO D 44 30.40 -16.51 47.02
C PRO D 44 28.99 -16.58 46.46
N LYS D 45 28.20 -15.51 46.59
CA LYS D 45 26.89 -15.41 45.96
C LYS D 45 26.73 -14.01 45.38
N TYR D 46 26.25 -13.94 44.14
CA TYR D 46 26.10 -12.69 43.40
C TYR D 46 24.65 -12.20 43.41
N ASN D 47 24.50 -10.89 43.23
CA ASN D 47 23.24 -10.19 43.09
C ASN D 47 23.55 -8.89 42.33
N HIS D 48 24.04 -9.03 41.11
CA HIS D 48 24.80 -7.99 40.44
C HIS D 48 24.24 -7.64 39.07
N LEU D 49 24.49 -6.39 38.68
CA LEU D 49 24.30 -5.93 37.31
C LEU D 49 25.65 -5.82 36.64
N VAL D 50 25.78 -6.44 35.47
CA VAL D 50 26.98 -6.36 34.63
C VAL D 50 26.57 -5.84 33.26
N GLY D 51 27.41 -5.01 32.66
CA GLY D 51 27.08 -4.46 31.36
C GLY D 51 28.03 -3.34 30.97
N LEU D 52 27.65 -2.64 29.90
CA LEU D 52 28.47 -1.56 29.36
C LEU D 52 27.59 -0.46 28.79
N ASN D 53 28.20 0.69 28.52
CA ASN D 53 27.57 1.80 27.81
C ASN D 53 28.47 2.17 26.63
N CYS D 54 28.06 1.79 25.41
CA CYS D 54 28.88 2.05 24.23
C CYS D 54 28.28 3.14 23.35
N PRO D 55 29.05 4.16 22.97
CA PRO D 55 28.52 5.20 22.09
C PRO D 55 28.60 4.86 20.61
N GLY D 56 29.18 3.72 20.24
CA GLY D 56 29.30 3.33 18.85
C GLY D 56 28.54 2.06 18.55
N ASP D 57 29.25 0.95 18.38
CA ASP D 57 28.59 -0.31 18.09
C ASP D 57 29.17 -1.40 18.98
N ILE D 58 28.33 -2.35 19.36
CA ILE D 58 28.67 -3.40 20.31
C ILE D 58 28.85 -4.71 19.56
N ILE D 59 29.98 -5.39 19.79
CA ILE D 59 30.31 -6.62 19.10
C ILE D 59 30.67 -7.69 20.12
N PRO D 60 29.99 -8.84 20.16
CA PRO D 60 28.81 -9.15 19.37
C PRO D 60 27.56 -8.50 19.95
N ASP D 61 26.46 -9.24 20.00
CA ASP D 61 25.21 -8.73 20.57
C ASP D 61 25.19 -9.08 22.06
N CYS D 62 25.94 -8.30 22.83
CA CYS D 62 26.05 -8.47 24.27
C CYS D 62 24.80 -7.96 24.96
N PHE D 63 24.43 -8.62 26.06
CA PHE D 63 25.23 -9.71 26.60
C PHE D 63 24.67 -11.10 26.36
N PHE D 64 23.69 -11.22 25.45
CA PHE D 64 23.24 -12.56 25.06
C PHE D 64 24.33 -13.29 24.28
N GLN D 65 25.13 -12.57 23.50
CA GLN D 65 26.33 -13.11 22.88
C GLN D 65 27.55 -12.44 23.48
N VAL D 66 28.63 -13.21 23.67
CA VAL D 66 29.91 -12.73 24.17
C VAL D 66 31.03 -13.46 23.44
N TYR D 67 32.26 -13.03 23.69
CA TYR D 67 33.49 -13.64 23.20
C TYR D 67 34.14 -14.50 24.27
N GLN D 68 35.13 -15.29 23.87
CA GLN D 68 35.90 -16.08 24.83
C GLN D 68 37.30 -15.53 25.07
N SER D 77 37.30 -14.12 19.03
CA SER D 77 36.81 -14.55 17.73
C SER D 77 35.66 -15.56 17.85
N ASN D 78 35.57 -16.23 18.99
CA ASN D 78 34.58 -17.28 19.21
C ASN D 78 33.37 -16.71 19.94
N ILE D 79 32.33 -16.43 19.18
CA ILE D 79 31.09 -15.94 19.75
C ILE D 79 30.38 -17.10 20.44
N VAL D 80 29.93 -16.84 21.66
CA VAL D 80 29.43 -17.87 22.55
C VAL D 80 28.32 -17.25 23.36
N TYR D 81 27.35 -18.06 23.78
CA TYR D 81 26.14 -17.55 24.40
C TYR D 81 26.30 -17.55 25.91
N LEU D 82 26.07 -16.39 26.53
CA LEU D 82 26.32 -16.20 27.95
C LEU D 82 25.64 -17.27 28.78
N ASP D 83 24.43 -17.68 28.39
CA ASP D 83 23.68 -18.67 29.17
C ASP D 83 24.46 -19.97 29.31
N SER D 84 25.10 -20.42 28.23
CA SER D 84 25.93 -21.62 28.30
C SER D 84 27.27 -21.35 28.96
N GLN D 85 27.79 -20.13 28.80
CA GLN D 85 29.14 -19.85 29.28
C GLN D 85 29.17 -19.72 30.79
N ILE D 86 28.15 -19.12 31.37
CA ILE D 86 28.06 -19.01 32.82
C ILE D 86 27.33 -20.20 33.42
N ASN D 87 26.32 -20.71 32.70
CA ASN D 87 25.61 -21.94 33.04
C ASN D 87 24.86 -21.83 34.37
N ILE D 88 24.37 -20.64 34.71
CA ILE D 88 23.72 -20.49 36.00
C ILE D 88 22.21 -20.72 35.90
N GLY D 89 21.59 -20.38 34.76
CA GLY D 89 20.17 -20.63 34.60
C GLY D 89 19.30 -19.39 34.75
N ASP D 90 18.37 -19.20 33.80
CA ASP D 90 17.57 -17.99 33.62
C ASP D 90 18.28 -16.71 34.06
N ILE D 91 19.11 -16.17 33.16
CA ILE D 91 19.74 -14.86 33.35
C ILE D 91 18.79 -13.77 32.89
N GLU D 92 18.85 -12.61 33.53
CA GLU D 92 18.04 -11.47 33.14
C GLU D 92 18.84 -10.54 32.23
N TYR D 93 18.20 -10.08 31.15
CA TYR D 93 18.82 -9.22 30.16
C TYR D 93 18.05 -7.91 30.05
N TYR D 94 18.78 -6.80 30.07
CA TYR D 94 18.18 -5.48 29.96
C TYR D 94 18.92 -4.66 28.91
N GLU D 95 18.24 -3.63 28.41
CA GLU D 95 18.88 -2.70 27.49
C GLU D 95 18.31 -1.32 27.73
N ASP D 96 19.04 -0.32 27.23
CA ASP D 96 18.56 1.06 27.32
C ASP D 96 19.32 1.90 26.31
N ALA D 97 18.76 3.06 26.01
CA ALA D 97 19.35 3.95 25.01
C ALA D 97 19.28 5.38 25.51
N GLU D 98 20.33 6.15 25.25
CA GLU D 98 20.41 7.58 25.56
C GLU D 98 21.06 8.25 24.35
N GLY D 99 20.24 8.60 23.35
CA GLY D 99 20.81 9.08 22.10
C GLY D 99 21.51 7.93 21.41
N ASP D 100 22.78 8.13 21.06
CA ASP D 100 23.56 7.05 20.43
C ASP D 100 24.17 6.09 21.44
N ASP D 101 23.94 6.31 22.74
CA ASP D 101 24.53 5.48 23.78
C ASP D 101 23.71 4.21 23.96
N LYS D 102 24.37 3.07 23.83
CA LYS D 102 23.71 1.77 23.84
C LYS D 102 24.06 1.07 25.14
N ILE D 103 23.09 0.93 26.03
CA ILE D 103 23.29 0.29 27.32
C ILE D 103 22.80 -1.15 27.24
N LYS D 104 23.70 -2.09 27.47
CA LYS D 104 23.37 -3.51 27.48
C LYS D 104 23.78 -4.09 28.83
N LEU D 105 22.83 -4.65 29.55
CA LEU D 105 23.06 -5.15 30.90
C LEU D 105 22.58 -6.59 31.02
N PHE D 106 23.19 -7.31 31.96
CA PHE D 106 22.62 -8.58 32.39
C PHE D 106 22.72 -8.66 33.91
N GLY D 107 21.81 -9.42 34.49
CA GLY D 107 21.74 -9.62 35.94
C GLY D 107 22.09 -11.05 36.29
N ILE D 108 22.88 -11.21 37.35
CA ILE D 108 23.34 -12.52 37.80
C ILE D 108 23.07 -12.63 39.30
N VAL D 109 22.41 -13.71 39.70
CA VAL D 109 21.94 -13.91 41.06
C VAL D 109 22.26 -15.32 41.48
N GLY D 110 23.02 -15.47 42.56
CA GLY D 110 23.41 -16.77 43.07
C GLY D 110 24.90 -17.00 42.95
N SER D 111 25.28 -18.26 43.10
CA SER D 111 26.69 -18.63 42.96
C SER D 111 26.91 -19.24 41.57
N ILE D 112 28.11 -19.05 41.07
CA ILE D 112 28.47 -19.46 39.72
C ILE D 112 29.20 -20.80 39.81
N PRO D 113 28.86 -21.76 38.95
CA PRO D 113 29.47 -23.10 39.11
C PRO D 113 30.96 -23.11 38.83
N LYS D 114 31.43 -22.36 37.85
CA LYS D 114 32.83 -22.32 37.50
C LYS D 114 33.25 -20.89 37.22
N THR D 115 34.46 -20.54 37.62
CA THR D 115 35.02 -19.27 37.23
C THR D 115 35.06 -19.17 35.71
N THR D 116 34.47 -18.10 35.17
CA THR D 116 34.31 -17.97 33.73
C THR D 116 34.66 -16.54 33.31
N SER D 117 35.23 -16.41 32.11
CA SER D 117 35.65 -15.13 31.57
C SER D 117 35.04 -14.93 30.18
N PHE D 118 34.77 -13.67 29.83
CA PHE D 118 34.23 -13.36 28.52
C PHE D 118 34.51 -11.90 28.18
N THR D 119 34.47 -11.59 26.88
CA THR D 119 34.85 -10.29 26.39
C THR D 119 33.72 -9.70 25.53
N CYS D 120 33.60 -8.38 25.56
CA CYS D 120 32.69 -7.67 24.70
C CYS D 120 33.41 -6.43 24.17
N ILE D 121 33.08 -6.02 22.94
CA ILE D 121 33.80 -4.95 22.25
C ILE D 121 32.87 -3.77 21.99
N CYS D 122 33.37 -2.58 22.26
CA CYS D 122 32.73 -1.33 21.87
C CYS D 122 33.57 -0.68 20.78
N LYS D 123 32.95 -0.44 19.63
CA LYS D 123 33.65 0.12 18.47
C LYS D 123 33.09 1.49 18.15
N LYS D 124 33.97 2.47 17.98
CA LYS D 124 33.59 3.82 17.61
C LYS D 124 34.63 4.33 16.62
N ASP D 125 34.21 4.55 15.37
CA ASP D 125 35.10 4.86 14.24
C ASP D 125 36.12 3.73 14.14
N LYS D 126 37.42 4.02 14.04
CA LYS D 126 38.45 3.00 14.00
C LYS D 126 38.93 2.60 15.39
N LYS D 127 38.26 3.07 16.44
CA LYS D 127 38.62 2.71 17.81
C LYS D 127 37.76 1.56 18.30
N SER D 128 38.38 0.63 19.00
CA SER D 128 37.67 -0.51 19.57
C SER D 128 38.13 -0.69 21.01
N ALA D 129 37.18 -0.79 21.93
CA ALA D 129 37.45 -0.93 23.34
C ALA D 129 36.99 -2.30 23.81
N TYR D 130 37.86 -3.01 24.51
CA TYR D 130 37.56 -4.34 25.01
C TYR D 130 37.16 -4.26 26.47
N MET D 131 36.08 -4.95 26.81
CA MET D 131 35.65 -5.13 28.21
C MET D 131 35.72 -6.62 28.52
N THR D 132 36.64 -6.99 29.40
CA THR D 132 36.83 -8.39 29.79
C THR D 132 36.33 -8.58 31.21
N VAL D 133 35.32 -9.41 31.37
CA VAL D 133 34.75 -9.71 32.68
C VAL D 133 35.26 -11.07 33.14
N THR D 134 35.62 -11.16 34.40
CA THR D 134 35.92 -12.43 35.04
C THR D 134 35.11 -12.54 36.31
N ILE D 135 34.39 -13.64 36.46
CA ILE D 135 33.53 -13.87 37.61
C ILE D 135 34.04 -15.12 38.32
N ASP D 136 34.54 -14.94 39.55
CA ASP D 136 35.11 -16.03 40.32
C ASP D 136 34.03 -16.88 40.98
N GLU E 1 30.59 -22.24 0.00
CA GLU E 1 30.75 -20.81 -0.25
C GLU E 1 29.65 -19.99 0.41
N VAL E 2 29.85 -18.68 0.47
CA VAL E 2 28.82 -17.77 0.97
C VAL E 2 27.82 -17.50 -0.15
N GLN E 3 26.54 -17.74 0.14
CA GLN E 3 25.46 -17.50 -0.82
C GLN E 3 24.37 -16.65 -0.21
N LEU E 4 23.83 -15.73 -1.01
CA LEU E 4 22.76 -14.81 -0.63
C LEU E 4 21.72 -14.81 -1.75
N VAL E 5 20.71 -15.69 -1.63
CA VAL E 5 19.75 -15.96 -2.70
C VAL E 5 18.46 -15.24 -2.36
N GLN E 6 18.21 -14.11 -3.03
CA GLN E 6 17.04 -13.29 -2.73
C GLN E 6 15.80 -13.82 -3.45
N SER E 7 14.64 -13.38 -2.98
CA SER E 7 13.39 -13.83 -3.56
C SER E 7 12.33 -12.77 -3.28
N GLY E 8 11.41 -12.62 -4.22
CA GLY E 8 10.31 -11.71 -4.00
C GLY E 8 10.36 -10.60 -5.01
N GLY E 9 9.85 -9.44 -4.64
CA GLY E 9 9.75 -8.32 -5.56
C GLY E 9 8.47 -8.38 -6.36
N GLY E 10 8.14 -7.23 -6.94
CA GLY E 10 6.96 -7.12 -7.76
C GLY E 10 6.55 -5.67 -7.88
N LEU E 11 5.40 -5.49 -8.54
CA LEU E 11 4.80 -4.17 -8.72
C LEU E 11 3.80 -3.95 -7.59
N VAL E 12 3.82 -2.75 -7.01
CA VAL E 12 3.03 -2.41 -5.84
C VAL E 12 2.43 -1.02 -6.07
N GLN E 13 1.25 -0.84 -5.61
CA GLN E 13 0.66 0.50 -5.68
C GLN E 13 1.03 1.31 -4.44
N PRO E 14 1.07 2.64 -4.57
CA PRO E 14 1.49 3.48 -3.44
C PRO E 14 0.67 3.23 -2.17
N GLY E 15 1.35 3.26 -1.04
CA GLY E 15 0.75 2.93 0.23
C GLY E 15 0.64 1.45 0.51
N GLY E 16 1.14 0.60 -0.38
CA GLY E 16 1.02 -0.83 -0.26
C GLY E 16 2.17 -1.47 0.50
N SER E 17 2.21 -2.80 0.44
CA SER E 17 3.14 -3.58 1.24
C SER E 17 3.75 -4.71 0.43
N LEU E 18 5.01 -5.00 0.72
CA LEU E 18 5.77 -6.04 0.02
C LEU E 18 6.82 -6.59 0.98
N ARG E 19 7.03 -7.90 0.92
CA ARG E 19 7.99 -8.57 1.79
C ARG E 19 9.08 -9.23 0.94
N LEU E 20 10.33 -8.83 1.19
CA LEU E 20 11.50 -9.40 0.56
C LEU E 20 12.18 -10.37 1.52
N SER E 21 12.81 -11.39 0.96
CA SER E 21 13.57 -12.33 1.77
C SER E 21 14.91 -12.58 1.11
N CYS E 22 15.81 -13.20 1.87
CA CYS E 22 17.18 -13.45 1.41
C CYS E 22 17.66 -14.70 2.12
N ALA E 23 17.69 -15.82 1.42
CA ALA E 23 18.15 -17.08 1.99
C ALA E 23 19.67 -17.08 2.03
N ALA E 24 20.22 -17.18 3.24
CA ALA E 24 21.66 -17.11 3.47
C ALA E 24 22.18 -18.50 3.81
N SER E 25 23.35 -18.82 3.28
CA SER E 25 23.99 -20.10 3.56
C SER E 25 25.49 -19.92 3.50
N GLY E 26 26.21 -20.91 4.02
CA GLY E 26 27.65 -20.96 3.92
C GLY E 26 28.41 -20.23 4.99
N PHE E 27 27.74 -19.72 6.02
CA PHE E 27 28.43 -19.10 7.13
C PHE E 27 27.53 -19.22 8.35
N THR E 28 28.08 -18.85 9.49
CA THR E 28 27.32 -18.93 10.74
C THR E 28 26.41 -17.71 10.82
N PHE E 29 25.11 -17.94 10.63
CA PHE E 29 24.16 -16.85 10.47
C PHE E 29 24.19 -15.90 11.67
N ASN E 30 24.33 -16.44 12.89
CA ASN E 30 24.22 -15.62 14.09
C ASN E 30 25.40 -14.69 14.31
N ASN E 31 26.48 -14.81 13.55
CA ASN E 31 27.70 -14.07 13.87
C ASN E 31 27.95 -12.88 12.96
N TYR E 32 26.96 -12.43 12.19
CA TYR E 32 27.22 -11.39 11.21
C TYR E 32 26.07 -10.40 11.12
N TRP E 33 26.41 -9.12 10.97
CA TRP E 33 25.39 -8.13 10.61
C TRP E 33 25.02 -8.28 9.14
N MET E 34 23.78 -7.93 8.83
CA MET E 34 23.28 -8.01 7.47
C MET E 34 22.48 -6.75 7.16
N SER E 35 22.50 -6.34 5.89
CA SER E 35 21.84 -5.11 5.51
C SER E 35 21.03 -5.27 4.24
N TRP E 36 20.28 -4.22 3.92
CA TRP E 36 19.58 -4.04 2.66
C TRP E 36 20.07 -2.74 2.05
N VAL E 37 20.43 -2.79 0.77
CA VAL E 37 20.86 -1.62 0.03
C VAL E 37 20.13 -1.62 -1.30
N ARG E 38 19.69 -0.46 -1.74
CA ARG E 38 18.85 -0.38 -2.92
C ARG E 38 19.49 0.53 -3.96
N GLN E 39 18.95 0.42 -5.17
CA GLN E 39 19.44 1.23 -6.28
C GLN E 39 18.29 1.46 -7.26
N ALA E 40 17.80 2.68 -7.29
CA ALA E 40 16.86 3.09 -8.31
C ALA E 40 17.50 2.95 -9.68
N PRO E 41 16.74 2.59 -10.72
CA PRO E 41 17.37 2.32 -12.02
C PRO E 41 18.12 3.52 -12.54
N GLY E 42 19.39 3.30 -12.91
CA GLY E 42 20.26 4.35 -13.37
C GLY E 42 20.74 5.32 -12.31
N LYS E 43 20.64 4.98 -11.03
CA LYS E 43 21.06 5.82 -9.91
C LYS E 43 22.07 5.06 -9.05
N GLY E 44 22.40 5.64 -7.89
CA GLY E 44 23.47 5.14 -7.06
C GLY E 44 22.99 4.23 -5.95
N LEU E 45 23.96 3.69 -5.22
CA LEU E 45 23.64 2.87 -4.06
C LEU E 45 23.18 3.74 -2.90
N GLU E 46 22.18 3.24 -2.18
CA GLU E 46 21.56 3.95 -1.07
C GLU E 46 21.21 2.93 0.00
N TRP E 47 21.84 3.06 1.17
CA TRP E 47 21.60 2.13 2.27
C TRP E 47 20.16 2.26 2.77
N VAL E 48 19.58 1.12 3.17
CA VAL E 48 18.17 1.05 3.53
C VAL E 48 17.97 0.61 4.97
N SER E 49 18.77 -0.35 5.45
CA SER E 49 18.52 -0.90 6.77
C SER E 49 19.65 -1.85 7.13
N SER E 50 19.92 -1.96 8.43
CA SER E 50 20.91 -2.91 8.90
C SER E 50 20.44 -3.53 10.21
N ILE E 51 20.76 -4.80 10.40
CA ILE E 51 20.39 -5.52 11.61
C ILE E 51 21.60 -6.28 12.11
N SER E 52 21.79 -6.28 13.43
CA SER E 52 22.94 -6.93 14.05
C SER E 52 22.71 -8.44 14.14
N ASN E 53 23.76 -9.13 14.58
CA ASN E 53 23.83 -10.58 14.74
C ASN E 53 22.51 -11.24 15.11
N ILE E 54 21.97 -10.90 16.28
CA ILE E 54 20.67 -11.44 16.70
C ILE E 54 19.73 -10.30 17.05
N GLY E 55 19.87 -9.16 16.37
CA GLY E 55 18.91 -8.08 16.48
C GLY E 55 19.11 -7.11 17.61
N GLY E 56 20.25 -7.19 18.32
CA GLY E 56 20.55 -6.23 19.36
C GLY E 56 20.59 -4.79 18.89
N THR E 57 20.91 -4.57 17.61
CA THR E 57 20.94 -3.21 17.07
C THR E 57 20.27 -3.21 15.70
N ILE E 58 19.44 -2.20 15.45
CA ILE E 58 18.73 -2.03 14.19
C ILE E 58 18.81 -0.56 13.80
N TYR E 59 19.18 -0.31 12.53
CA TYR E 59 19.42 1.03 12.02
C TYR E 59 18.56 1.29 10.80
N TYR E 60 18.03 2.51 10.69
CA TYR E 60 17.28 2.96 9.54
C TYR E 60 17.66 4.40 9.23
N PRO E 61 17.87 4.74 7.96
CA PRO E 61 17.90 6.15 7.57
C PRO E 61 16.51 6.74 7.62
N ASP E 62 16.47 8.07 7.70
CA ASP E 62 15.19 8.77 7.73
C ASP E 62 14.33 8.50 6.50
N SER E 63 14.90 7.97 5.42
CA SER E 63 14.12 7.78 4.21
C SER E 63 13.10 6.67 4.35
N VAL E 64 13.34 5.70 5.23
CA VAL E 64 12.44 4.55 5.34
C VAL E 64 12.00 4.32 6.77
N LYS E 65 12.57 5.08 7.71
CA LYS E 65 12.24 4.87 9.12
C LYS E 65 10.75 5.11 9.36
N GLY E 66 10.12 4.15 10.02
CA GLY E 66 8.70 4.19 10.28
C GLY E 66 7.85 3.50 9.25
N ARG E 67 8.44 3.08 8.15
CA ARG E 67 7.73 2.39 7.08
C ARG E 67 8.29 1.01 6.80
N PHE E 68 9.60 0.84 6.87
CA PHE E 68 10.23 -0.44 6.61
C PHE E 68 10.65 -1.09 7.92
N THR E 69 10.62 -2.42 7.96
CA THR E 69 11.08 -3.17 9.12
C THR E 69 12.00 -4.30 8.67
N ILE E 70 13.23 -4.26 9.16
CA ILE E 70 14.18 -5.34 8.93
C ILE E 70 14.06 -6.35 10.07
N SER E 71 14.37 -7.61 9.77
CA SER E 71 14.31 -8.68 10.75
C SER E 71 15.03 -9.89 10.16
N ARG E 72 15.35 -10.85 11.03
CA ARG E 72 16.06 -12.05 10.59
C ARG E 72 15.55 -13.26 11.37
N ASP E 73 15.51 -14.40 10.69
CA ASP E 73 15.07 -15.66 11.30
C ASP E 73 16.24 -16.63 11.31
N ASN E 74 16.91 -16.72 12.46
CA ASN E 74 18.03 -17.63 12.63
C ASN E 74 17.65 -19.07 12.30
N SER E 75 16.41 -19.48 12.59
CA SER E 75 16.04 -20.86 12.34
C SER E 75 15.96 -21.20 10.85
N LYS E 76 15.69 -20.19 10.00
CA LYS E 76 15.69 -20.40 8.56
C LYS E 76 16.84 -19.67 7.86
N ASN E 77 17.77 -19.06 8.61
CA ASN E 77 18.91 -18.34 8.07
C ASN E 77 18.47 -17.33 7.01
N THR E 78 17.37 -16.64 7.27
CA THR E 78 16.77 -15.74 6.29
C THR E 78 16.76 -14.32 6.84
N LEU E 79 17.17 -13.36 6.01
CA LEU E 79 17.01 -11.94 6.29
C LEU E 79 15.77 -11.43 5.58
N TYR E 80 15.01 -10.58 6.26
CA TYR E 80 13.77 -10.06 5.71
C TYR E 80 13.79 -8.53 5.64
N LEU E 81 12.98 -8.02 4.71
CA LEU E 81 12.68 -6.59 4.62
C LEU E 81 11.19 -6.43 4.38
N GLN E 82 10.47 -5.98 5.40
CA GLN E 82 9.03 -5.75 5.29
C GLN E 82 8.82 -4.28 4.88
N MET E 83 8.33 -4.07 3.66
CA MET E 83 8.09 -2.74 3.14
C MET E 83 6.62 -2.38 3.28
N ASN E 84 6.34 -1.25 3.93
CA ASN E 84 4.99 -0.74 4.09
C ASN E 84 4.96 0.73 3.73
N SER E 85 3.74 1.24 3.53
CA SER E 85 3.53 2.64 3.17
C SER E 85 4.38 3.04 1.96
N LEU E 86 4.37 2.18 0.95
CA LEU E 86 5.31 2.32 -0.17
C LEU E 86 5.01 3.58 -0.99
N ARG E 87 6.08 4.22 -1.46
CA ARG E 87 6.01 5.44 -2.26
C ARG E 87 6.83 5.26 -3.53
N ALA E 88 6.59 6.15 -4.50
CA ALA E 88 7.24 6.00 -5.79
C ALA E 88 8.76 6.09 -5.70
N GLU E 89 9.26 6.88 -4.73
CA GLU E 89 10.69 6.99 -4.48
C GLU E 89 11.30 5.69 -3.99
N ASP E 90 10.50 4.73 -3.56
CA ASP E 90 11.02 3.44 -3.15
C ASP E 90 11.33 2.52 -4.34
N THR E 91 10.96 2.91 -5.56
CA THR E 91 11.23 2.05 -6.71
C THR E 91 12.73 1.87 -6.90
N ALA E 92 13.19 0.64 -6.78
CA ALA E 92 14.63 0.36 -6.82
C ALA E 92 14.85 -1.13 -6.97
N VAL E 93 16.08 -1.49 -7.30
CA VAL E 93 16.55 -2.87 -7.15
C VAL E 93 17.10 -3.01 -5.74
N TYR E 94 16.61 -4.00 -5.01
CA TYR E 94 16.98 -4.15 -3.60
C TYR E 94 18.00 -5.26 -3.45
N TYR E 95 19.12 -4.95 -2.81
CA TYR E 95 20.18 -5.92 -2.58
C TYR E 95 20.24 -6.37 -1.13
N CYS E 96 20.73 -7.58 -0.97
CA CYS E 96 20.91 -8.25 0.31
C CYS E 96 22.40 -8.37 0.57
N THR E 97 22.87 -7.94 1.75
CA THR E 97 24.31 -7.98 2.01
C THR E 97 24.62 -8.59 3.36
N ARG E 98 25.78 -9.26 3.42
CA ARG E 98 26.41 -9.63 4.67
C ARG E 98 27.48 -8.59 5.02
N ASP E 99 27.52 -8.20 6.29
CA ASP E 99 28.36 -7.10 6.74
C ASP E 99 29.45 -7.59 7.67
N LEU E 100 30.64 -6.98 7.56
CA LEU E 100 31.71 -7.17 8.53
C LEU E 100 31.71 -5.93 9.40
N ARG E 101 30.98 -6.01 10.52
CA ARG E 101 30.78 -4.84 11.37
C ARG E 101 32.11 -4.25 11.84
N MET E 102 33.10 -5.10 12.13
CA MET E 102 34.36 -4.59 12.65
C MET E 102 35.14 -3.78 11.64
N SER E 103 34.91 -3.99 10.34
CA SER E 103 35.62 -3.25 9.30
C SER E 103 34.70 -2.35 8.49
N ASP E 104 33.44 -2.22 8.89
CA ASP E 104 32.52 -1.23 8.34
C ASP E 104 32.35 -1.36 6.82
N TYR E 105 32.15 -2.59 6.34
CA TYR E 105 31.90 -2.78 4.92
C TYR E 105 31.03 -4.00 4.69
N PHE E 106 30.40 -4.04 3.51
CA PHE E 106 29.60 -5.17 3.03
C PHE E 106 30.50 -6.08 2.20
N ASP E 107 30.64 -7.34 2.62
CA ASP E 107 31.59 -8.23 1.97
C ASP E 107 30.94 -9.24 1.03
N TYR E 108 29.61 -9.38 1.06
CA TYR E 108 28.89 -10.23 0.12
C TYR E 108 27.56 -9.59 -0.20
N TRP E 109 27.20 -9.60 -1.48
CA TRP E 109 25.93 -9.04 -1.94
C TRP E 109 25.08 -10.12 -2.60
N GLY E 110 23.75 -9.98 -2.42
CA GLY E 110 22.81 -10.83 -3.12
C GLY E 110 22.62 -10.41 -4.57
N GLN E 111 21.85 -11.22 -5.31
CA GLN E 111 21.70 -10.96 -6.73
C GLN E 111 20.80 -9.75 -7.01
N GLY E 112 19.99 -9.35 -6.04
CA GLY E 112 19.11 -8.22 -6.23
C GLY E 112 17.68 -8.63 -6.57
N THR E 113 16.74 -7.73 -6.29
CA THR E 113 15.33 -7.95 -6.52
C THR E 113 14.68 -6.62 -6.83
N MET E 114 13.90 -6.57 -7.90
CA MET E 114 13.30 -5.31 -8.36
C MET E 114 11.94 -5.11 -7.71
N VAL E 115 11.75 -3.92 -7.14
CA VAL E 115 10.50 -3.49 -6.53
C VAL E 115 10.02 -2.27 -7.31
N THR E 116 8.81 -2.34 -7.85
CA THR E 116 8.22 -1.22 -8.58
C THR E 116 7.03 -0.70 -7.77
N VAL E 117 7.04 0.59 -7.47
CA VAL E 117 5.93 1.25 -6.80
C VAL E 117 5.29 2.19 -7.81
N SER E 118 4.06 1.87 -8.21
CA SER E 118 3.40 2.61 -9.27
C SER E 118 1.89 2.56 -9.07
N SER E 119 1.24 3.71 -9.28
CA SER E 119 -0.20 3.77 -9.37
C SER E 119 -0.69 3.78 -10.82
N ALA E 120 0.18 3.42 -11.76
CA ALA E 120 -0.17 3.50 -13.17
C ALA E 120 -1.06 2.33 -13.57
N SER E 121 -1.90 2.58 -14.57
CA SER E 121 -2.79 1.54 -15.08
C SER E 121 -2.68 1.50 -16.60
N THR E 122 -3.06 0.35 -17.16
CA THR E 122 -2.88 0.12 -18.59
C THR E 122 -3.56 1.23 -19.38
N LYS E 123 -2.80 1.88 -20.24
CA LYS E 123 -3.25 3.08 -20.92
C LYS E 123 -2.55 3.20 -22.27
N GLY E 124 -3.33 3.52 -23.29
CA GLY E 124 -2.79 3.75 -24.61
C GLY E 124 -2.18 5.12 -24.69
N PRO E 125 -1.21 5.31 -25.57
CA PRO E 125 -0.51 6.59 -25.63
C PRO E 125 -1.27 7.63 -26.43
N SER E 126 -0.86 8.88 -26.20
CA SER E 126 -1.11 9.96 -27.13
C SER E 126 0.08 10.05 -28.08
N VAL E 127 -0.20 10.31 -29.35
CA VAL E 127 0.82 10.32 -30.40
C VAL E 127 0.83 11.70 -31.04
N PHE E 128 1.97 12.40 -30.94
CA PHE E 128 2.10 13.76 -31.43
C PHE E 128 3.15 13.87 -32.54
N PRO E 129 2.85 14.55 -33.63
CA PRO E 129 3.86 14.72 -34.69
C PRO E 129 4.94 15.71 -34.27
N LEU E 130 6.20 15.34 -34.51
CA LEU E 130 7.33 16.24 -34.33
C LEU E 130 7.75 16.72 -35.72
N ALA E 131 7.24 17.90 -36.09
CA ALA E 131 7.47 18.44 -37.42
C ALA E 131 8.95 18.78 -37.62
N PRO E 132 9.39 18.87 -38.89
CA PRO E 132 10.78 19.21 -39.17
C PRO E 132 10.99 20.69 -39.50
N SER E 133 12.23 21.15 -39.42
CA SER E 133 12.59 22.51 -39.82
C SER E 133 12.88 22.59 -41.31
N GLY E 140 21.68 18.90 -46.31
CA GLY E 140 20.55 18.49 -47.13
C GLY E 140 19.64 17.48 -46.46
N THR E 141 19.72 17.43 -45.13
CA THR E 141 18.97 16.47 -44.33
C THR E 141 18.21 17.19 -43.22
N ALA E 142 16.93 16.86 -43.08
CA ALA E 142 16.10 17.35 -41.99
C ALA E 142 15.65 16.17 -41.12
N ALA E 143 15.32 16.48 -39.87
CA ALA E 143 14.91 15.50 -38.89
C ALA E 143 13.46 15.73 -38.49
N LEU E 144 12.68 14.65 -38.44
CA LEU E 144 11.29 14.68 -38.01
C LEU E 144 10.99 13.37 -37.28
N GLY E 145 9.88 13.35 -36.59
CA GLY E 145 9.51 12.16 -35.85
C GLY E 145 8.13 12.28 -35.28
N CYS E 146 7.83 11.38 -34.33
CA CYS E 146 6.59 11.51 -33.60
C CYS E 146 6.82 11.06 -32.15
N LEU E 147 6.07 11.67 -31.24
CA LEU E 147 6.19 11.45 -29.81
C LEU E 147 5.08 10.50 -29.33
N VAL E 148 5.49 9.41 -28.70
CA VAL E 148 4.55 8.42 -28.16
C VAL E 148 4.50 8.66 -26.65
N LYS E 149 3.40 9.24 -26.19
CA LYS E 149 3.34 9.92 -24.89
C LYS E 149 2.36 9.24 -23.96
N ASP E 150 2.81 8.95 -22.73
CA ASP E 150 1.96 8.51 -21.62
C ASP E 150 1.22 7.20 -21.96
N TYR E 151 1.99 6.12 -21.98
CA TYR E 151 1.45 4.79 -22.16
C TYR E 151 1.92 3.88 -21.03
N PHE E 152 1.17 2.79 -20.83
CA PHE E 152 1.51 1.77 -19.85
C PHE E 152 0.76 0.50 -20.20
N PRO E 153 1.38 -0.68 -20.09
CA PRO E 153 2.81 -0.82 -19.79
C PRO E 153 3.65 -0.87 -21.06
N GLU E 154 4.88 -1.37 -20.95
CA GLU E 154 5.73 -1.61 -22.10
C GLU E 154 5.34 -2.92 -22.78
N PRO E 155 5.66 -3.09 -24.07
CA PRO E 155 6.35 -2.18 -24.98
C PRO E 155 5.45 -1.51 -26.01
N VAL E 156 6.04 -0.58 -26.75
CA VAL E 156 5.41 0.05 -27.90
C VAL E 156 6.32 -0.15 -29.10
N THR E 157 5.74 -0.57 -30.22
CA THR E 157 6.46 -0.65 -31.49
C THR E 157 6.06 0.52 -32.37
N VAL E 158 7.01 1.03 -33.14
CA VAL E 158 6.80 2.16 -34.03
C VAL E 158 7.46 1.84 -35.38
N SER E 159 6.67 1.88 -36.45
CA SER E 159 7.22 1.81 -37.80
C SER E 159 6.91 3.11 -38.53
N TRP E 160 7.54 3.27 -39.70
CA TRP E 160 7.35 4.45 -40.54
C TRP E 160 6.90 4.00 -41.92
N ASN E 161 5.80 4.59 -42.39
CA ASN E 161 5.20 4.24 -43.68
C ASN E 161 4.98 2.74 -43.78
N SER E 162 4.47 2.16 -42.69
CA SER E 162 4.04 0.76 -42.65
C SER E 162 5.20 -0.19 -42.94
N GLY E 163 6.41 0.20 -42.56
CA GLY E 163 7.60 -0.58 -42.80
C GLY E 163 8.36 -0.22 -44.06
N ALA E 164 7.81 0.67 -44.89
CA ALA E 164 8.49 1.02 -46.13
C ALA E 164 9.75 1.84 -45.88
N LEU E 165 9.77 2.61 -44.80
CA LEU E 165 10.89 3.49 -44.47
C LEU E 165 11.57 2.97 -43.21
N THR E 166 12.84 2.59 -43.33
CA THR E 166 13.59 2.09 -42.20
C THR E 166 14.96 2.72 -42.01
N SER E 167 15.58 3.24 -43.07
CA SER E 167 16.88 3.86 -42.91
C SER E 167 16.73 5.28 -42.40
N GLY E 168 17.64 5.67 -41.51
CA GLY E 168 17.52 6.96 -40.87
C GLY E 168 16.55 6.98 -39.71
N VAL E 169 15.99 5.83 -39.35
CA VAL E 169 15.00 5.75 -38.29
C VAL E 169 15.70 5.40 -36.99
N HIS E 170 15.32 6.09 -35.92
CA HIS E 170 15.89 5.84 -34.60
C HIS E 170 14.76 5.94 -33.57
N THR E 171 14.37 4.80 -33.02
CA THR E 171 13.38 4.73 -31.96
C THR E 171 14.11 4.61 -30.63
N PHE E 172 14.13 5.71 -29.87
CA PHE E 172 14.83 5.72 -28.60
C PHE E 172 14.08 4.89 -27.56
N PRO E 173 14.80 4.31 -26.61
CA PRO E 173 14.12 3.63 -25.50
C PRO E 173 13.30 4.62 -24.68
N ALA E 174 12.26 4.10 -24.05
CA ALA E 174 11.30 4.94 -23.34
C ALA E 174 11.87 5.43 -22.02
N VAL E 175 11.40 6.60 -21.61
CA VAL E 175 11.64 7.13 -20.27
C VAL E 175 10.50 6.66 -19.38
N LEU E 176 10.78 6.46 -18.10
CA LEU E 176 9.76 6.10 -17.12
C LEU E 176 9.47 7.36 -16.29
N GLN E 177 8.43 8.09 -16.68
CA GLN E 177 8.11 9.34 -16.00
C GLN E 177 7.71 9.05 -14.55
N SER E 178 7.87 10.07 -13.70
CA SER E 178 7.52 9.94 -12.29
C SER E 178 6.04 9.65 -12.08
N SER E 179 5.20 9.86 -13.11
CA SER E 179 3.81 9.45 -13.06
C SER E 179 3.64 7.95 -13.19
N GLY E 180 4.72 7.19 -13.34
CA GLY E 180 4.64 5.77 -13.59
C GLY E 180 4.31 5.38 -15.01
N LEU E 181 4.10 6.36 -15.90
CA LEU E 181 3.78 6.12 -17.30
C LEU E 181 5.02 6.30 -18.16
N TYR E 182 5.06 5.58 -19.28
CA TYR E 182 6.18 5.60 -20.19
C TYR E 182 5.95 6.59 -21.33
N SER E 183 7.06 7.05 -21.91
CA SER E 183 7.04 7.86 -23.13
C SER E 183 8.32 7.61 -23.91
N LEU E 184 8.18 7.41 -25.22
CA LEU E 184 9.31 7.30 -26.13
C LEU E 184 9.09 8.22 -27.33
N SER E 185 10.10 8.27 -28.20
CA SER E 185 10.06 9.09 -29.41
C SER E 185 10.85 8.39 -30.50
N SER E 186 10.30 8.40 -31.71
CA SER E 186 10.95 7.80 -32.87
C SER E 186 11.25 8.92 -33.86
N VAL E 187 12.51 9.03 -34.27
CA VAL E 187 12.97 10.13 -35.12
C VAL E 187 13.49 9.56 -36.44
N VAL E 188 13.34 10.34 -37.50
CA VAL E 188 13.80 9.92 -38.83
C VAL E 188 14.48 11.09 -39.51
N THR E 189 15.69 10.87 -40.00
CA THR E 189 16.38 11.86 -40.81
C THR E 189 16.07 11.55 -42.27
N VAL E 190 15.56 12.54 -43.00
CA VAL E 190 15.15 12.35 -44.38
C VAL E 190 15.79 13.45 -45.22
N PRO E 191 15.80 13.29 -46.55
CA PRO E 191 16.30 14.35 -47.42
C PRO E 191 15.36 15.55 -47.43
N SER E 192 15.94 16.74 -47.28
CA SER E 192 15.13 17.96 -47.32
C SER E 192 14.38 18.09 -48.64
N SER E 193 14.95 17.57 -49.73
CA SER E 193 14.28 17.61 -51.02
C SER E 193 12.92 16.94 -50.99
N SER E 194 12.74 15.91 -50.17
CA SER E 194 11.53 15.10 -50.20
C SER E 194 10.45 15.60 -49.24
N LEU E 195 10.70 16.69 -48.52
CA LEU E 195 9.74 17.14 -47.51
C LEU E 195 8.41 17.53 -48.14
N GLY E 196 8.44 18.20 -49.29
CA GLY E 196 7.22 18.60 -49.96
C GLY E 196 6.61 17.57 -50.89
N THR E 197 7.34 16.51 -51.22
CA THR E 197 6.82 15.50 -52.13
C THR E 197 6.52 14.18 -51.45
N GLN E 198 7.28 13.80 -50.42
CA GLN E 198 7.15 12.49 -49.81
C GLN E 198 6.37 12.58 -48.50
N THR E 199 5.50 11.58 -48.30
CA THR E 199 4.60 11.54 -47.15
C THR E 199 5.18 10.63 -46.08
N TYR E 200 5.19 11.12 -44.83
CA TYR E 200 5.75 10.40 -43.70
C TYR E 200 4.66 10.21 -42.65
N ILE E 201 4.36 8.96 -42.34
CA ILE E 201 3.32 8.61 -41.37
C ILE E 201 3.92 7.59 -40.41
N CYS E 202 4.01 7.94 -39.14
CA CYS E 202 4.50 7.01 -38.15
C CYS E 202 3.36 6.12 -37.68
N ASN E 203 3.64 4.83 -37.55
CA ASN E 203 2.64 3.85 -37.14
C ASN E 203 2.99 3.35 -35.75
N VAL E 204 2.19 3.73 -34.77
CA VAL E 204 2.39 3.36 -33.38
C VAL E 204 1.43 2.24 -33.04
N ASN E 205 1.91 1.25 -32.30
CA ASN E 205 1.09 0.10 -31.91
C ASN E 205 1.45 -0.27 -30.48
N HIS E 206 0.49 -0.10 -29.57
CA HIS E 206 0.65 -0.48 -28.17
C HIS E 206 -0.30 -1.67 -27.94
N LYS E 207 0.26 -2.88 -27.95
CA LYS E 207 -0.57 -4.07 -27.85
C LYS E 207 -1.34 -4.18 -26.53
N PRO E 208 -0.74 -3.93 -25.35
CA PRO E 208 -1.52 -4.12 -24.10
C PRO E 208 -2.80 -3.31 -24.01
N SER E 209 -2.96 -2.28 -24.84
CA SER E 209 -4.16 -1.44 -24.81
C SER E 209 -4.88 -1.40 -26.15
N ASN E 210 -4.51 -2.26 -27.11
CA ASN E 210 -5.16 -2.33 -28.42
C ASN E 210 -5.24 -0.96 -29.08
N THR E 211 -4.17 -0.18 -28.95
CA THR E 211 -4.11 1.16 -29.53
C THR E 211 -3.18 1.13 -30.73
N LYS E 212 -3.72 1.45 -31.91
CA LYS E 212 -2.94 1.68 -33.12
C LYS E 212 -3.17 3.12 -33.53
N VAL E 213 -2.11 3.81 -33.91
CA VAL E 213 -2.22 5.21 -34.33
C VAL E 213 -1.31 5.42 -35.52
N ASP E 214 -1.88 5.90 -36.62
CA ASP E 214 -1.10 6.39 -37.76
C ASP E 214 -1.12 7.91 -37.68
N LYS E 215 0.06 8.53 -37.68
CA LYS E 215 0.15 9.98 -37.56
C LYS E 215 1.01 10.52 -38.69
N LYS E 216 0.43 11.39 -39.52
CA LYS E 216 1.19 12.02 -40.59
C LYS E 216 1.98 13.20 -40.03
N VAL E 217 3.25 13.28 -40.39
CA VAL E 217 4.15 14.32 -39.89
C VAL E 217 4.50 15.20 -41.09
N GLU E 218 3.85 16.35 -41.18
CA GLU E 218 4.09 17.33 -42.24
C GLU E 218 5.12 18.34 -41.79
N PRO E 219 5.63 19.17 -42.71
CA PRO E 219 6.57 20.22 -42.32
C PRO E 219 5.88 21.36 -41.58
N LYS E 220 6.71 22.20 -40.96
CA LYS E 220 6.25 23.30 -40.11
C LYS E 220 5.21 24.19 -40.77
N ASN F 1 26.45 13.34 9.44
CA ASN F 1 25.99 14.41 8.56
C ASN F 1 27.06 14.73 7.53
N PHE F 2 27.41 13.76 6.68
CA PHE F 2 28.39 14.01 5.64
C PHE F 2 27.97 13.30 4.35
N MET F 3 28.52 13.77 3.24
CA MET F 3 28.28 13.19 1.94
C MET F 3 29.60 12.85 1.29
N LEU F 4 29.57 11.92 0.34
CA LEU F 4 30.74 11.51 -0.42
C LEU F 4 30.52 11.85 -1.88
N THR F 5 31.44 12.62 -2.47
CA THR F 5 31.30 13.13 -3.82
C THR F 5 32.35 12.49 -4.72
N GLN F 6 31.89 11.84 -5.79
CA GLN F 6 32.72 11.24 -6.83
C GLN F 6 32.42 11.90 -8.17
N PRO F 7 33.40 11.96 -9.08
CA PRO F 7 33.10 12.42 -10.44
C PRO F 7 32.06 11.53 -11.08
N HIS F 8 31.25 12.13 -11.97
CA HIS F 8 30.21 11.37 -12.65
C HIS F 8 30.81 10.20 -13.42
N SER F 9 31.92 10.42 -14.12
CA SER F 9 32.48 9.38 -14.97
C SER F 9 33.94 9.67 -15.29
N VAL F 10 34.67 8.61 -15.58
CA VAL F 10 36.04 8.71 -16.09
C VAL F 10 36.20 7.72 -17.23
N SER F 11 37.17 7.99 -18.10
CA SER F 11 37.48 7.07 -19.18
C SER F 11 38.97 7.08 -19.45
N GLU F 12 39.53 5.89 -19.66
CA GLU F 12 40.94 5.76 -20.00
C GLU F 12 41.11 4.52 -20.87
N SER F 13 42.21 4.49 -21.61
CA SER F 13 42.50 3.42 -22.56
C SER F 13 43.06 2.20 -21.84
N PRO F 14 42.98 1.01 -22.45
CA PRO F 14 43.52 -0.19 -21.81
C PRO F 14 44.99 -0.03 -21.47
N GLY F 15 45.42 -0.75 -20.44
CA GLY F 15 46.80 -0.71 -20.03
C GLY F 15 47.26 0.58 -19.35
N LYS F 16 46.41 1.59 -19.26
CA LYS F 16 46.78 2.85 -18.60
C LYS F 16 46.31 2.84 -17.15
N THR F 17 46.44 3.99 -16.49
CA THR F 17 46.08 4.14 -15.09
C THR F 17 45.02 5.23 -14.94
N VAL F 18 44.12 5.03 -13.98
CA VAL F 18 43.03 5.98 -13.76
C VAL F 18 42.72 6.02 -12.27
N THR F 19 42.28 7.17 -11.80
CA THR F 19 42.02 7.37 -10.38
C THR F 19 40.61 7.92 -10.21
N ILE F 20 39.93 7.45 -9.17
CA ILE F 20 38.58 7.87 -8.83
C ILE F 20 38.62 8.41 -7.40
N SER F 21 38.31 9.69 -7.26
CA SER F 21 38.35 10.32 -5.95
C SER F 21 36.99 10.27 -5.30
N CYS F 22 37.01 10.26 -3.97
CA CYS F 22 35.80 10.23 -3.14
C CYS F 22 36.00 11.32 -2.08
N THR F 23 35.30 12.45 -2.23
CA THR F 23 35.51 13.60 -1.36
C THR F 23 34.41 13.72 -0.32
N ARG F 24 34.82 13.97 0.93
CA ARG F 24 33.91 14.04 2.06
C ARG F 24 33.50 15.48 2.36
N SER F 25 32.21 15.71 2.63
CA SER F 25 31.72 17.07 2.81
C SER F 25 32.07 17.66 4.17
N THR F 26 31.95 16.88 5.24
CA THR F 26 32.28 17.35 6.58
C THR F 26 32.90 16.21 7.37
N GLY F 27 33.62 16.56 8.42
CA GLY F 27 34.35 15.58 9.18
C GLY F 27 35.59 15.15 8.42
N ASN F 28 36.40 14.35 9.10
CA ASN F 28 37.69 13.96 8.56
C ASN F 28 37.58 12.60 7.88
N ILE F 29 38.00 12.55 6.61
CA ILE F 29 37.99 11.33 5.82
C ILE F 29 38.71 10.19 6.52
N GLY F 30 39.67 10.51 7.39
CA GLY F 30 40.43 9.49 8.10
C GLY F 30 39.76 8.92 9.33
N SER F 31 38.64 9.50 9.76
CA SER F 31 37.97 9.07 10.97
C SER F 31 37.23 7.75 10.79
N ASN F 32 36.81 7.42 9.58
CA ASN F 32 36.04 6.23 9.31
C ASN F 32 36.60 5.49 8.09
N TYR F 33 36.60 4.17 8.16
CA TYR F 33 37.07 3.35 7.05
C TYR F 33 36.30 3.65 5.77
N VAL F 34 37.03 3.72 4.66
CA VAL F 34 36.47 3.83 3.33
C VAL F 34 36.56 2.47 2.66
N SER F 35 35.49 2.07 1.97
CA SER F 35 35.49 0.85 1.16
C SER F 35 35.00 1.18 -0.24
N TRP F 36 35.41 0.36 -1.21
CA TRP F 36 35.06 0.59 -2.61
C TRP F 36 34.38 -0.64 -3.20
N TYR F 37 33.35 -0.40 -3.99
CA TYR F 37 32.62 -1.49 -4.63
C TYR F 37 32.64 -1.31 -6.13
N GLN F 38 32.82 -2.43 -6.84
CA GLN F 38 32.75 -2.50 -8.29
C GLN F 38 31.41 -3.08 -8.69
N GLN F 39 30.69 -2.38 -9.55
CA GLN F 39 29.43 -2.87 -10.10
C GLN F 39 29.55 -2.93 -11.61
N ARG F 40 29.74 -4.14 -12.16
CA ARG F 40 29.71 -4.29 -13.61
C ARG F 40 28.28 -4.15 -14.12
N PRO F 41 28.10 -3.64 -15.36
CA PRO F 41 26.74 -3.47 -15.89
C PRO F 41 25.90 -4.72 -15.75
N GLY F 42 24.77 -4.60 -15.05
CA GLY F 42 23.83 -5.70 -14.90
C GLY F 42 24.11 -6.64 -13.74
N SER F 43 25.21 -6.47 -13.04
CA SER F 43 25.60 -7.36 -11.97
C SER F 43 25.42 -6.67 -10.63
N SER F 44 25.50 -7.46 -9.56
CA SER F 44 25.46 -6.90 -8.23
C SER F 44 26.86 -6.48 -7.81
N PRO F 45 26.97 -5.57 -6.83
CA PRO F 45 28.30 -5.07 -6.45
C PRO F 45 29.17 -6.14 -5.82
N THR F 46 30.48 -5.95 -5.97
CA THR F 46 31.50 -6.73 -5.28
C THR F 46 32.46 -5.77 -4.62
N THR F 47 33.09 -6.23 -3.54
CA THR F 47 34.06 -5.43 -2.81
C THR F 47 35.42 -5.54 -3.48
N VAL F 48 36.06 -4.40 -3.73
CA VAL F 48 37.43 -4.40 -4.24
C VAL F 48 38.42 -3.81 -3.24
N ILE F 49 38.00 -2.88 -2.39
CA ILE F 49 38.86 -2.27 -1.39
C ILE F 49 38.06 -2.10 -0.11
N TYR F 50 38.65 -2.48 1.01
CA TYR F 50 38.06 -2.23 2.32
C TYR F 50 39.13 -1.70 3.25
N ARG F 51 38.72 -1.11 4.37
CA ARG F 51 39.64 -0.49 5.33
C ARG F 51 40.61 0.44 4.64
N ASP F 52 40.07 1.38 3.86
CA ASP F 52 40.83 2.39 3.15
C ASP F 52 41.69 1.82 2.02
N ASP F 53 42.36 0.66 2.24
CA ASP F 53 43.32 0.19 1.23
C ASP F 53 43.60 -1.31 1.27
N GLN F 54 42.72 -2.14 1.83
CA GLN F 54 42.89 -3.58 1.86
C GLN F 54 42.12 -4.22 0.70
N ARG F 55 42.75 -5.18 0.02
CA ARG F 55 42.08 -5.93 -1.03
C ARG F 55 41.62 -7.29 -0.52
N PRO F 56 40.40 -7.71 -0.82
CA PRO F 56 40.03 -9.10 -0.54
C PRO F 56 40.84 -10.04 -1.43
N SER F 57 40.95 -11.29 -0.99
CA SER F 57 41.58 -12.29 -1.83
C SER F 57 40.80 -12.43 -3.13
N GLY F 58 41.52 -12.48 -4.24
CA GLY F 58 40.91 -12.59 -5.54
C GLY F 58 40.70 -11.27 -6.26
N VAL F 59 40.98 -10.14 -5.62
CA VAL F 59 40.99 -8.84 -6.30
C VAL F 59 42.40 -8.60 -6.81
N PRO F 60 42.61 -8.43 -8.11
CA PRO F 60 43.97 -8.31 -8.64
C PRO F 60 44.68 -7.09 -8.05
N ASP F 61 46.01 -7.17 -8.01
CA ASP F 61 46.83 -6.10 -7.44
C ASP F 61 46.77 -4.82 -8.26
N ARG F 62 46.16 -4.85 -9.45
CA ARG F 62 45.93 -3.62 -10.20
C ARG F 62 45.05 -2.64 -9.45
N PHE F 63 44.29 -3.09 -8.46
CA PHE F 63 43.41 -2.23 -7.66
C PHE F 63 44.12 -1.83 -6.37
N SER F 64 44.05 -0.55 -6.04
CA SER F 64 44.59 -0.05 -4.78
C SER F 64 43.79 1.18 -4.36
N GLY F 65 43.64 1.33 -3.05
CA GLY F 65 42.96 2.48 -2.48
C GLY F 65 43.85 3.31 -1.59
N SER F 66 43.57 4.60 -1.44
CA SER F 66 44.41 5.45 -0.61
C SER F 66 43.56 6.54 0.04
N ILE F 67 44.15 7.21 1.02
CA ILE F 67 43.50 8.28 1.76
C ILE F 67 44.40 9.51 1.71
N ASP F 68 43.85 10.63 1.25
CA ASP F 68 44.56 11.91 1.27
C ASP F 68 43.85 12.82 2.26
N ARG F 69 44.42 12.94 3.47
CA ARG F 69 43.80 13.78 4.49
C ARG F 69 43.85 15.25 4.14
N SER F 70 44.81 15.67 3.32
CA SER F 70 44.92 17.09 2.96
C SER F 70 43.66 17.58 2.26
N SER F 71 43.10 16.77 1.37
CA SER F 71 41.91 17.14 0.62
C SER F 71 40.66 16.41 1.10
N ASN F 72 40.74 15.71 2.23
CA ASN F 72 39.60 15.00 2.81
C ASN F 72 38.97 14.07 1.78
N SER F 73 39.80 13.25 1.15
CA SER F 73 39.37 12.43 0.04
C SER F 73 39.95 11.03 0.16
N ALA F 74 39.27 10.08 -0.47
CA ALA F 74 39.78 8.74 -0.69
C ALA F 74 39.87 8.51 -2.19
N SER F 75 40.78 7.65 -2.59
CA SER F 75 40.99 7.41 -4.01
C SER F 75 41.09 5.91 -4.28
N LEU F 76 40.50 5.49 -5.40
CA LEU F 76 40.62 4.15 -5.93
C LEU F 76 41.44 4.24 -7.22
N THR F 77 42.58 3.55 -7.26
CA THR F 77 43.49 3.62 -8.40
C THR F 77 43.54 2.27 -9.10
N ILE F 78 43.29 2.27 -10.40
CA ILE F 78 43.32 1.06 -11.21
C ILE F 78 44.42 1.23 -12.23
N SER F 79 45.46 0.41 -12.13
CA SER F 79 46.58 0.45 -13.05
C SER F 79 46.43 -0.67 -14.09
N GLY F 80 47.02 -0.44 -15.26
CA GLY F 80 46.97 -1.42 -16.34
C GLY F 80 45.56 -1.87 -16.65
N LEU F 81 44.73 -0.94 -17.12
CA LEU F 81 43.30 -1.19 -17.25
C LEU F 81 43.00 -2.33 -18.22
N LYS F 82 42.04 -3.15 -17.83
CA LYS F 82 41.51 -4.23 -18.65
C LYS F 82 40.05 -3.97 -18.97
N THR F 83 39.57 -4.63 -20.01
CA THR F 83 38.20 -4.46 -20.47
C THR F 83 37.19 -4.81 -19.37
N GLU F 84 37.46 -5.85 -18.58
CA GLU F 84 36.56 -6.23 -17.50
C GLU F 84 36.52 -5.21 -16.37
N ASP F 85 37.43 -4.23 -16.34
CA ASP F 85 37.34 -3.22 -15.29
C ASP F 85 36.24 -2.21 -15.54
N GLU F 86 35.63 -2.22 -16.73
CA GLU F 86 34.53 -1.33 -17.05
C GLU F 86 33.35 -1.62 -16.12
N ALA F 87 33.02 -0.66 -15.26
CA ALA F 87 31.98 -0.86 -14.26
C ALA F 87 31.69 0.49 -13.61
N ASP F 88 30.63 0.50 -12.79
CA ASP F 88 30.35 1.63 -11.91
C ASP F 88 31.04 1.38 -10.58
N TYR F 89 31.69 2.40 -10.04
CA TYR F 89 32.48 2.27 -8.82
C TYR F 89 31.92 3.16 -7.72
N TYR F 90 31.73 2.60 -6.52
CA TYR F 90 31.16 3.33 -5.40
C TYR F 90 32.11 3.28 -4.21
N CYS F 91 32.28 4.42 -3.54
CA CYS F 91 32.94 4.47 -2.23
C CYS F 91 31.89 4.45 -1.13
N HIS F 92 32.27 3.91 0.03
CA HIS F 92 31.37 3.84 1.16
C HIS F 92 32.09 4.14 2.46
N SER F 93 31.43 4.86 3.35
CA SER F 93 31.93 5.11 4.70
C SER F 93 30.76 5.09 5.66
N TYR F 94 31.05 4.71 6.91
CA TYR F 94 30.03 4.51 7.92
C TYR F 94 30.32 5.37 9.13
N SER F 95 29.33 6.13 9.57
CA SER F 95 29.31 6.71 10.90
C SER F 95 28.21 6.04 11.71
N THR F 96 28.31 6.13 13.03
CA THR F 96 27.39 5.41 13.91
C THR F 96 25.94 5.66 13.54
N GLY F 97 25.29 4.66 12.96
CA GLY F 97 23.90 4.77 12.61
C GLY F 97 23.59 5.26 11.21
N MET F 98 24.60 5.62 10.41
CA MET F 98 24.37 6.03 9.03
C MET F 98 25.41 5.41 8.10
N TYR F 99 24.95 4.91 6.97
CA TYR F 99 25.81 4.38 5.92
C TYR F 99 25.76 5.32 4.73
N ILE F 100 26.91 5.82 4.31
CA ILE F 100 27.00 6.79 3.22
C ILE F 100 27.69 6.14 2.02
N PHE F 101 27.07 6.28 0.86
CA PHE F 101 27.69 5.92 -0.40
C PHE F 101 28.04 7.18 -1.18
N GLY F 102 29.15 7.12 -1.90
CA GLY F 102 29.39 8.10 -2.95
C GLY F 102 28.37 7.95 -4.06
N GLY F 103 28.29 8.99 -4.90
CA GLY F 103 27.31 8.99 -5.96
C GLY F 103 27.57 7.96 -7.05
N GLY F 104 28.79 7.50 -7.18
CA GLY F 104 29.11 6.55 -8.21
C GLY F 104 29.86 7.20 -9.36
N THR F 105 30.78 6.44 -9.93
CA THR F 105 31.57 6.86 -11.08
C THR F 105 31.50 5.74 -12.13
N LYS F 106 31.04 6.09 -13.34
CA LYS F 106 31.11 5.15 -14.44
C LYS F 106 32.50 5.20 -15.05
N LEU F 107 33.17 4.06 -15.09
CA LEU F 107 34.48 3.94 -15.69
C LEU F 107 34.34 3.23 -17.03
N THR F 108 34.59 3.95 -18.11
CA THR F 108 34.67 3.35 -19.44
C THR F 108 36.13 3.06 -19.77
N VAL F 109 36.40 1.81 -20.16
CA VAL F 109 37.68 1.43 -20.74
C VAL F 109 37.53 1.56 -22.25
N LEU F 110 38.27 2.49 -22.84
CA LEU F 110 38.03 2.92 -24.22
C LEU F 110 38.37 1.84 -25.23
N GLY F 111 37.37 1.42 -26.02
CA GLY F 111 37.59 0.43 -27.07
C GLY F 111 37.33 0.98 -28.46
N GLN F 112 37.07 2.27 -28.54
CA GLN F 112 36.80 2.96 -29.80
C GLN F 112 36.96 4.45 -29.55
N PRO F 113 37.13 5.24 -30.61
CA PRO F 113 37.37 6.68 -30.38
C PRO F 113 36.15 7.37 -29.80
N LYS F 114 36.42 8.39 -28.99
CA LYS F 114 35.36 9.17 -28.39
C LYS F 114 34.54 9.86 -29.46
N ALA F 115 33.21 9.84 -29.30
CA ALA F 115 32.28 10.47 -30.22
C ALA F 115 31.40 11.44 -29.45
N ALA F 116 31.36 12.69 -29.93
CA ALA F 116 30.46 13.67 -29.35
C ALA F 116 29.00 13.31 -29.67
N PRO F 117 28.08 13.67 -28.78
CA PRO F 117 26.67 13.32 -29.02
C PRO F 117 26.02 14.21 -30.06
N SER F 118 25.08 13.60 -30.78
CA SER F 118 24.26 14.31 -31.77
C SER F 118 22.91 14.60 -31.13
N VAL F 119 22.60 15.87 -30.92
CA VAL F 119 21.43 16.28 -30.14
C VAL F 119 20.39 16.88 -31.07
N THR F 120 19.14 16.48 -30.87
CA THR F 120 18.00 17.03 -31.62
C THR F 120 16.91 17.41 -30.62
N LEU F 121 16.43 18.64 -30.71
CA LEU F 121 15.46 19.17 -29.75
C LEU F 121 14.19 19.58 -30.48
N PHE F 122 13.07 18.89 -30.16
CA PHE F 122 11.76 19.21 -30.74
C PHE F 122 10.95 20.05 -29.78
N PRO F 123 10.36 21.14 -30.24
CA PRO F 123 9.41 21.89 -29.41
C PRO F 123 8.09 21.15 -29.33
N PRO F 124 7.15 21.62 -28.50
CA PRO F 124 5.82 21.02 -28.51
C PRO F 124 5.12 21.21 -29.85
N SER F 125 4.30 20.23 -30.21
CA SER F 125 3.52 20.33 -31.43
C SER F 125 2.25 21.15 -31.19
N SER F 126 1.65 21.61 -32.29
CA SER F 126 0.36 22.27 -32.21
C SER F 126 -0.69 21.37 -31.57
N GLU F 127 -0.65 20.08 -31.90
CA GLU F 127 -1.63 19.16 -31.35
C GLU F 127 -1.50 19.05 -29.84
N GLU F 128 -0.26 18.91 -29.34
CA GLU F 128 -0.10 18.85 -27.89
C GLU F 128 -0.54 20.15 -27.24
N LEU F 129 -0.20 21.30 -27.84
CA LEU F 129 -0.65 22.57 -27.31
C LEU F 129 -2.17 22.70 -27.35
N GLN F 130 -2.81 22.24 -28.43
CA GLN F 130 -4.27 22.23 -28.47
C GLN F 130 -4.85 21.30 -27.40
N ALA F 131 -4.15 20.21 -27.08
CA ALA F 131 -4.55 19.37 -25.95
C ALA F 131 -4.11 19.94 -24.61
N ASN F 132 -3.66 21.19 -24.58
CA ASN F 132 -3.24 21.90 -23.37
C ASN F 132 -2.13 21.16 -22.63
N LYS F 133 -1.20 20.59 -23.38
CA LYS F 133 0.02 20.03 -22.85
C LYS F 133 1.19 20.54 -23.69
N ALA F 134 2.40 20.41 -23.15
CA ALA F 134 3.59 20.85 -23.86
C ALA F 134 4.77 20.02 -23.39
N THR F 135 5.40 19.30 -24.31
CA THR F 135 6.58 18.51 -24.01
C THR F 135 7.70 18.94 -24.95
N LEU F 136 8.89 19.11 -24.40
CA LEU F 136 10.10 19.33 -25.18
C LEU F 136 10.90 18.03 -25.22
N VAL F 137 11.19 17.54 -26.42
CA VAL F 137 11.85 16.25 -26.61
C VAL F 137 13.29 16.52 -27.03
N CYS F 138 14.24 16.10 -26.20
CA CYS F 138 15.66 16.22 -26.48
C CYS F 138 16.24 14.84 -26.74
N LEU F 139 16.69 14.60 -27.96
CA LEU F 139 17.16 13.29 -28.39
C LEU F 139 18.67 13.32 -28.60
N ILE F 140 19.38 12.42 -27.92
CA ILE F 140 20.84 12.41 -27.85
C ILE F 140 21.33 11.04 -28.30
N SER F 141 22.19 11.01 -29.31
CA SER F 141 22.59 9.72 -29.88
C SER F 141 24.04 9.76 -30.36
N ASP F 142 24.55 8.56 -30.64
CA ASP F 142 25.87 8.39 -31.25
C ASP F 142 26.96 9.03 -30.40
N PHE F 143 26.99 8.72 -29.12
CA PHE F 143 28.04 9.24 -28.26
C PHE F 143 28.77 8.09 -27.59
N TYR F 144 30.06 8.30 -27.33
CA TYR F 144 30.90 7.33 -26.63
C TYR F 144 32.03 8.06 -25.89
N PRO F 145 32.27 7.76 -24.60
CA PRO F 145 31.57 6.78 -23.74
C PRO F 145 30.11 7.11 -23.46
N GLY F 146 29.37 6.12 -22.94
CA GLY F 146 27.95 6.28 -22.67
C GLY F 146 27.66 6.92 -21.34
N ALA F 147 28.00 8.21 -21.20
CA ALA F 147 27.82 8.91 -19.94
C ALA F 147 27.60 10.38 -20.24
N VAL F 148 26.37 10.86 -20.06
CA VAL F 148 26.03 12.25 -20.32
C VAL F 148 25.39 12.85 -19.08
N THR F 149 25.26 14.17 -19.10
CA THR F 149 24.57 14.95 -18.09
C THR F 149 23.73 15.97 -18.81
N VAL F 150 22.44 16.03 -18.49
CA VAL F 150 21.50 16.89 -19.20
C VAL F 150 21.00 17.98 -18.25
N ALA F 151 20.99 19.21 -18.74
CA ALA F 151 20.46 20.35 -18.00
C ALA F 151 19.65 21.21 -18.96
N TRP F 152 18.47 21.63 -18.52
CA TRP F 152 17.56 22.43 -19.31
C TRP F 152 17.64 23.90 -18.91
N LYS F 153 17.42 24.78 -19.88
CA LYS F 153 17.52 26.22 -19.69
C LYS F 153 16.23 26.89 -20.12
N ALA F 154 15.65 27.68 -19.23
CA ALA F 154 14.52 28.54 -19.56
C ALA F 154 15.06 29.97 -19.59
N ASP F 155 15.33 30.46 -20.80
CA ASP F 155 15.96 31.77 -21.00
C ASP F 155 17.26 31.91 -20.21
N SER F 156 18.22 31.02 -20.47
CA SER F 156 19.54 31.09 -19.86
C SER F 156 19.50 31.00 -18.34
N SER F 157 18.41 30.47 -17.79
CA SER F 157 18.27 30.14 -16.39
C SER F 157 17.92 28.67 -16.24
N PRO F 158 18.38 28.00 -15.19
CA PRO F 158 18.15 26.56 -15.07
C PRO F 158 16.67 26.24 -14.99
N VAL F 159 16.36 24.97 -15.22
CA VAL F 159 15.02 24.42 -15.05
C VAL F 159 15.10 23.27 -14.07
N LYS F 160 14.33 23.37 -12.99
CA LYS F 160 14.41 22.42 -11.89
C LYS F 160 13.31 21.38 -11.88
N ALA F 161 12.15 21.66 -12.45
CA ALA F 161 11.03 20.73 -12.40
C ALA F 161 10.65 20.26 -13.80
N GLY F 162 10.10 19.05 -13.86
CA GLY F 162 9.51 18.53 -15.09
C GLY F 162 10.47 17.82 -16.00
N VAL F 163 11.68 17.51 -15.54
CA VAL F 163 12.71 16.90 -16.38
C VAL F 163 12.76 15.41 -16.07
N GLU F 164 12.65 14.59 -17.12
CA GLU F 164 12.80 13.14 -17.02
C GLU F 164 13.84 12.72 -18.05
N THR F 165 14.87 11.99 -17.59
CA THR F 165 16.00 11.65 -18.43
C THR F 165 16.28 10.15 -18.33
N THR F 166 16.47 9.50 -19.49
CA THR F 166 16.81 8.08 -19.51
C THR F 166 18.28 7.88 -19.24
N THR F 167 18.62 6.67 -18.83
CA THR F 167 20.02 6.27 -18.74
C THR F 167 20.52 5.85 -20.12
N PRO F 168 21.76 6.17 -20.47
CA PRO F 168 22.29 5.80 -21.79
C PRO F 168 22.05 4.33 -22.10
N SER F 169 21.69 4.06 -23.36
CA SER F 169 21.45 2.70 -23.83
C SER F 169 22.36 2.43 -25.02
N LYS F 170 22.89 1.21 -25.07
CA LYS F 170 23.86 0.85 -26.08
C LYS F 170 23.18 0.66 -27.43
N GLN F 171 23.65 1.39 -28.44
CA GLN F 171 23.16 1.27 -29.80
C GLN F 171 23.78 0.06 -30.49
N SER F 172 23.42 -0.15 -31.76
CA SER F 172 24.00 -1.25 -32.51
C SER F 172 25.47 -0.98 -32.84
N ASN F 173 25.82 0.28 -33.09
CA ASN F 173 27.19 0.62 -33.44
C ASN F 173 28.10 0.75 -32.22
N ASN F 174 27.66 0.26 -31.06
CA ASN F 174 28.37 0.33 -29.79
C ASN F 174 28.55 1.75 -29.27
N LYS F 175 27.92 2.73 -29.90
CA LYS F 175 27.77 4.03 -29.25
C LYS F 175 26.53 3.97 -28.38
N TYR F 176 26.16 5.10 -27.79
CA TYR F 176 25.07 5.15 -26.82
C TYR F 176 24.05 6.21 -27.21
N ALA F 177 22.80 6.00 -26.77
CA ALA F 177 21.69 6.90 -27.04
C ALA F 177 20.89 7.16 -25.78
N ALA F 178 20.45 8.40 -25.60
CA ALA F 178 19.59 8.76 -24.49
C ALA F 178 18.63 9.83 -24.93
N SER F 179 17.59 10.04 -24.12
CA SER F 179 16.60 11.07 -24.39
C SER F 179 16.26 11.77 -23.08
N SER F 180 15.76 13.00 -23.20
CA SER F 180 15.39 13.79 -22.03
C SER F 180 14.15 14.60 -22.36
N TYR F 181 13.15 14.54 -21.50
CA TYR F 181 11.86 15.19 -21.72
C TYR F 181 11.65 16.28 -20.67
N LEU F 182 11.18 17.44 -21.12
CA LEU F 182 10.80 18.55 -20.25
C LEU F 182 9.30 18.75 -20.39
N SER F 183 8.56 18.51 -19.32
CA SER F 183 7.13 18.70 -19.32
C SER F 183 6.80 20.13 -18.92
N LEU F 184 5.98 20.78 -19.73
CA LEU F 184 5.57 22.15 -19.48
C LEU F 184 4.06 22.25 -19.65
N THR F 185 3.52 23.31 -19.14
CA THR F 185 2.18 23.70 -19.54
C THR F 185 2.29 24.72 -20.66
N PRO F 186 1.26 24.82 -21.51
CA PRO F 186 1.33 25.80 -22.61
C PRO F 186 1.72 27.20 -22.18
N GLU F 187 1.33 27.63 -20.99
CA GLU F 187 1.57 29.02 -20.59
C GLU F 187 3.04 29.26 -20.30
N GLN F 188 3.71 28.33 -19.61
CA GLN F 188 5.15 28.48 -19.38
C GLN F 188 5.92 28.50 -20.69
N TRP F 189 5.55 27.61 -21.61
CA TRP F 189 6.21 27.55 -22.90
C TRP F 189 6.10 28.89 -23.63
N LYS F 190 4.97 29.59 -23.48
CA LYS F 190 4.81 30.89 -24.13
C LYS F 190 5.50 32.01 -23.35
N SER F 191 5.80 31.79 -22.07
CA SER F 191 6.34 32.80 -21.18
C SER F 191 7.86 32.76 -21.09
N HIS F 192 8.52 32.17 -22.07
CA HIS F 192 9.96 32.26 -22.21
C HIS F 192 10.28 32.41 -23.69
N ARG F 193 11.29 33.23 -23.99
CA ARG F 193 11.65 33.48 -25.38
C ARG F 193 12.20 32.22 -26.05
N SER F 194 12.87 31.36 -25.28
CA SER F 194 13.41 30.11 -25.80
C SER F 194 13.74 29.18 -24.66
N TYR F 195 13.76 27.89 -24.95
CA TYR F 195 14.23 26.86 -24.03
C TYR F 195 15.41 26.14 -24.67
N SER F 196 16.33 25.66 -23.82
CA SER F 196 17.54 25.00 -24.30
C SER F 196 17.75 23.67 -23.59
N CYS F 197 18.25 22.70 -24.35
CA CYS F 197 18.67 21.40 -23.84
C CYS F 197 20.18 21.31 -23.93
N GLN F 198 20.84 21.07 -22.81
CA GLN F 198 22.31 21.08 -22.75
C GLN F 198 22.83 19.73 -22.28
N VAL F 199 23.58 19.07 -23.14
CA VAL F 199 24.16 17.76 -22.87
C VAL F 199 25.67 17.93 -22.71
N THR F 200 26.20 17.51 -21.57
CA THR F 200 27.63 17.50 -21.31
C THR F 200 28.16 16.09 -21.50
N HIS F 201 29.20 15.95 -22.33
CA HIS F 201 29.81 14.66 -22.63
C HIS F 201 31.31 14.86 -22.66
N GLU F 202 32.01 14.34 -21.65
CA GLU F 202 33.45 14.51 -21.50
C GLU F 202 33.72 16.01 -21.52
N GLY F 203 34.56 16.53 -22.42
CA GLY F 203 34.80 17.96 -22.46
C GLY F 203 33.65 18.75 -23.05
N SER F 204 33.00 18.21 -24.08
CA SER F 204 32.05 18.97 -24.87
C SER F 204 30.69 19.11 -24.18
N THR F 205 30.02 20.24 -24.47
CA THR F 205 28.63 20.47 -24.11
C THR F 205 27.87 20.84 -25.37
N VAL F 206 26.86 20.06 -25.74
CA VAL F 206 26.05 20.30 -26.93
C VAL F 206 24.76 20.97 -26.50
N GLU F 207 24.44 22.11 -27.10
CA GLU F 207 23.23 22.86 -26.80
C GLU F 207 22.35 22.93 -28.04
N LYS F 208 21.05 22.74 -27.82
CA LYS F 208 20.03 22.95 -28.83
C LYS F 208 18.96 23.85 -28.25
N THR F 209 18.43 24.75 -29.07
CA THR F 209 17.49 25.76 -28.60
C THR F 209 16.25 25.76 -29.48
N VAL F 210 15.08 25.87 -28.83
CA VAL F 210 13.81 26.02 -29.53
C VAL F 210 13.11 27.26 -29.00
N ALA F 211 12.21 27.79 -29.82
CA ALA F 211 11.46 29.00 -29.52
C ALA F 211 10.02 28.85 -29.98
N PRO F 212 9.06 29.44 -29.25
CA PRO F 212 7.64 29.44 -29.64
C PRO F 212 7.42 29.97 -31.06
C1 GOL G . -34.21 9.20 -13.31
O1 GOL G . -34.74 7.89 -13.30
C2 GOL G . -32.70 9.14 -12.88
O2 GOL G . -31.99 10.15 -13.51
C3 GOL G . -32.69 9.31 -11.33
O3 GOL G . -32.42 8.09 -10.69
C1 GOL H . 29.71 -8.83 12.43
O1 GOL H . 29.41 -8.42 11.11
C2 GOL H . 31.03 -9.72 12.43
O2 GOL H . 31.00 -10.71 13.40
C3 GOL H . 32.21 -8.79 12.71
O3 GOL H . 33.26 -9.67 12.98
#